data_5MNJ
#
_entry.id   5MNJ
#
_cell.length_a   54.240
_cell.length_b   62.760
_cell.length_c   66.350
_cell.angle_alpha   69.83
_cell.angle_beta   69.22
_cell.angle_gamma   78.21
#
_symmetry.space_group_name_H-M   'P 1'
#
loop_
_entity.id
_entity.type
_entity.pdbx_description
1 polymer 'Ubiquitin-conjugating enzyme E2 D2'
2 polymer Polyubiquitin-B
3 polymer 'E3 ubiquitin-protein ligase Mdm2'
4 polymer 'Protein Mdm4'
5 non-polymer 'ZINC ION'
6 non-polymer 'SULFATE ION'
7 water water
#
loop_
_entity_poly.entity_id
_entity_poly.type
_entity_poly.pdbx_seq_one_letter_code
_entity_poly.pdbx_strand_id
1 'polypeptide(L)'
;MALKRIHKELNDLARDPPAQCRAGPVGDDMFHWQATIMGPNDSPYQGGVFFLTIHFPTDYPFKPPKVAFTTRIYHPNINS
NGSIKLDILRSQWSPALTISKVLLSICSLLCDPNPDDPLVPEIARIYKTDREKYNRIAREWTQKYAM
;
A,E
2 'polypeptide(L)'
;GSGGSMQIFVKTLTGKTITLEVEPSDTIENVKAKIQDKEGIPPDQQRLIFAGKQLEDGRTLSDYNIQKESTLHLVLRLRG
G
;
B,F
3 'polypeptide(L)'
;MGSSHHHHHHSQDLENLYFQGSSSLPLNAIEPCVICQGRPKNGCIVHGKTGHLMACFTCAKKLKKRNKPCPVCRQPIQMI
VLTYFP
;
C,G
4 'polypeptide(L)' MEDCQNLLKPCSLCEKRPRDGNIIHGRTGHLVTCFHCARRLKKAGASCPICKKEIQLVIKVFIA D,H
#
# COMPACT_ATOMS: atom_id res chain seq x y z
N ALA A 2 17.37 -24.93 -3.52
CA ALA A 2 15.94 -25.08 -3.27
C ALA A 2 15.58 -26.29 -2.41
N LEU A 3 16.38 -27.34 -2.46
CA LEU A 3 15.99 -28.57 -1.79
C LEU A 3 15.77 -28.38 -0.30
N LYS A 4 16.68 -27.69 0.36
CA LYS A 4 16.56 -27.47 1.79
C LYS A 4 15.22 -26.80 2.09
N ARG A 5 14.84 -25.82 1.28
CA ARG A 5 13.56 -25.12 1.42
C ARG A 5 12.38 -26.08 1.18
N ILE A 6 12.39 -26.77 0.05
CA ILE A 6 11.38 -27.79 -0.25
C ILE A 6 11.25 -28.88 0.82
N HIS A 7 12.36 -29.44 1.28
CA HIS A 7 12.30 -30.42 2.34
C HIS A 7 11.58 -29.90 3.60
N LYS A 8 11.96 -28.69 4.02
CA LYS A 8 11.32 -28.06 5.18
C LYS A 8 9.81 -28.03 4.96
N GLU A 9 9.41 -27.66 3.75
CA GLU A 9 7.99 -27.52 3.45
C GLU A 9 7.24 -28.84 3.55
N LEU A 10 7.92 -29.92 3.20
CA LEU A 10 7.31 -31.23 3.22
C LEU A 10 7.19 -31.73 4.66
N ASN A 11 8.26 -31.56 5.41
CA ASN A 11 8.27 -31.91 6.82
C ASN A 11 7.11 -31.30 7.61
N ASP A 12 6.83 -30.01 7.41
CA ASP A 12 5.71 -29.35 8.10
C ASP A 12 4.36 -29.81 7.53
N LEU A 13 4.37 -30.23 6.27
CA LEU A 13 3.19 -30.78 5.65
C LEU A 13 2.94 -32.21 6.13
N ALA A 14 4.01 -32.99 6.21
CA ALA A 14 3.90 -34.33 6.77
C ALA A 14 3.21 -34.25 8.12
N ARG A 15 3.72 -33.40 9.00
CA ARG A 15 3.22 -33.35 10.37
C ARG A 15 1.85 -32.67 10.48
N ASP A 16 1.80 -31.36 10.26
CA ASP A 16 0.56 -30.62 10.49
C ASP A 16 0.03 -29.89 9.24
N PRO A 17 -0.67 -30.63 8.35
CA PRO A 17 -1.24 -30.06 7.12
C PRO A 17 -2.46 -29.18 7.42
N PRO A 18 -2.70 -28.16 6.56
CA PRO A 18 -3.83 -27.22 6.66
C PRO A 18 -5.16 -27.96 6.55
N ALA A 19 -6.25 -27.31 6.95
CA ALA A 19 -7.49 -28.04 7.20
C ALA A 19 -7.78 -29.02 6.06
N GLN A 20 -8.13 -28.53 4.88
CA GLN A 20 -8.19 -29.42 3.74
C GLN A 20 -7.16 -29.05 2.69
N CYS A 21 -6.11 -29.84 2.62
CA CYS A 21 -5.09 -29.80 1.59
C CYS A 21 -4.12 -30.90 1.97
N ARG A 22 -3.39 -31.38 0.98
CA ARG A 22 -2.26 -32.27 1.20
C ARG A 22 -1.37 -32.14 -0.03
N ALA A 23 -0.08 -32.39 0.15
CA ALA A 23 0.84 -32.30 -0.98
C ALA A 23 2.06 -33.08 -0.62
N GLY A 24 2.79 -33.51 -1.63
CA GLY A 24 4.02 -34.24 -1.39
C GLY A 24 4.51 -34.73 -2.74
N PRO A 25 5.77 -35.15 -2.80
CA PRO A 25 6.27 -35.48 -4.14
C PRO A 25 5.57 -36.71 -4.72
N VAL A 26 5.48 -36.73 -6.05
CA VAL A 26 5.14 -37.92 -6.78
C VAL A 26 6.43 -38.69 -6.97
N GLY A 27 6.45 -39.91 -6.43
CA GLY A 27 7.60 -40.77 -6.58
C GLY A 27 8.90 -40.15 -6.10
N ASP A 28 9.91 -40.19 -6.96
CA ASP A 28 11.30 -39.87 -6.65
C ASP A 28 11.67 -38.38 -6.61
N ASP A 29 11.13 -37.61 -7.55
CA ASP A 29 11.63 -36.26 -7.78
C ASP A 29 11.08 -35.25 -6.77
N MET A 30 11.98 -34.65 -5.99
CA MET A 30 11.56 -33.75 -4.92
C MET A 30 11.01 -32.44 -5.50
N PHE A 31 11.34 -32.16 -6.75
CA PHE A 31 10.89 -30.96 -7.44
C PHE A 31 9.57 -31.10 -8.20
N HIS A 32 8.94 -32.26 -8.10
CA HIS A 32 7.64 -32.47 -8.71
CA HIS A 32 7.64 -32.48 -8.72
C HIS A 32 6.69 -33.03 -7.67
N TRP A 33 5.65 -32.26 -7.36
CA TRP A 33 4.73 -32.67 -6.33
C TRP A 33 3.35 -32.85 -6.92
N GLN A 34 2.54 -33.60 -6.19
CA GLN A 34 1.13 -33.68 -6.46
C GLN A 34 0.47 -33.13 -5.22
N ALA A 35 -0.64 -32.43 -5.40
CA ALA A 35 -1.39 -31.94 -4.26
C ALA A 35 -2.86 -32.31 -4.41
N THR A 36 -3.54 -32.38 -3.28
CA THR A 36 -4.98 -32.49 -3.28
C THR A 36 -5.64 -31.38 -2.45
N ILE A 37 -6.70 -30.82 -2.99
CA ILE A 37 -7.47 -29.77 -2.35
C ILE A 37 -8.89 -30.33 -2.23
N MET A 38 -9.43 -30.36 -1.02
CA MET A 38 -10.81 -30.84 -0.85
C MET A 38 -11.72 -29.67 -1.12
N GLY A 39 -12.83 -29.91 -1.80
CA GLY A 39 -13.78 -28.85 -2.07
C GLY A 39 -14.34 -28.29 -0.78
N PRO A 40 -14.29 -26.96 -0.60
CA PRO A 40 -14.82 -26.29 0.58
C PRO A 40 -16.27 -26.69 0.89
N ASN A 41 -16.61 -26.80 2.18
CA ASN A 41 -17.98 -27.09 2.60
C ASN A 41 -18.91 -25.91 2.32
N ASP A 42 -20.14 -26.22 1.92
CA ASP A 42 -21.08 -25.19 1.50
C ASP A 42 -20.43 -24.35 0.39
N SER A 43 -19.96 -25.08 -0.63
CA SER A 43 -19.68 -24.54 -1.96
C SER A 43 -20.11 -25.59 -2.98
N PRO A 44 -20.24 -25.21 -4.25
CA PRO A 44 -20.56 -26.23 -5.25
C PRO A 44 -19.51 -27.33 -5.34
N TYR A 45 -18.32 -27.14 -4.76
CA TYR A 45 -17.27 -28.15 -4.91
C TYR A 45 -17.20 -29.14 -3.76
N GLN A 46 -18.11 -28.98 -2.80
CA GLN A 46 -18.11 -29.83 -1.60
C GLN A 46 -18.08 -31.30 -1.96
N GLY A 47 -17.17 -32.02 -1.33
CA GLY A 47 -17.04 -33.46 -1.51
C GLY A 47 -16.10 -33.82 -2.64
N GLY A 48 -15.82 -32.84 -3.51
CA GLY A 48 -14.92 -33.07 -4.62
C GLY A 48 -13.49 -33.13 -4.11
N VAL A 49 -12.69 -33.98 -4.73
CA VAL A 49 -11.28 -34.09 -4.42
C VAL A 49 -10.53 -33.61 -5.64
N PHE A 50 -9.80 -32.50 -5.49
CA PHE A 50 -9.13 -31.90 -6.64
C PHE A 50 -7.62 -32.09 -6.57
N PHE A 51 -7.06 -32.68 -7.62
CA PHE A 51 -5.63 -32.93 -7.70
C PHE A 51 -4.95 -31.86 -8.53
N LEU A 52 -3.75 -31.50 -8.12
CA LEU A 52 -2.99 -30.47 -8.81
C LEU A 52 -1.57 -30.95 -8.96
N THR A 53 -0.86 -30.39 -9.94
CA THR A 53 0.57 -30.66 -10.02
C THR A 53 1.39 -29.41 -9.68
N ILE A 54 2.55 -29.65 -9.10
CA ILE A 54 3.40 -28.56 -8.68
C ILE A 54 4.81 -28.83 -9.13
N HIS A 55 5.35 -27.92 -9.94
CA HIS A 55 6.74 -28.01 -10.35
CA HIS A 55 6.73 -28.01 -10.37
C HIS A 55 7.54 -26.86 -9.76
N PHE A 56 8.47 -27.18 -8.87
CA PHE A 56 9.32 -26.15 -8.29
C PHE A 56 10.45 -25.83 -9.25
N PRO A 57 10.66 -24.55 -9.57
CA PRO A 57 11.81 -24.10 -10.37
C PRO A 57 13.12 -24.25 -9.60
N THR A 58 14.25 -24.23 -10.31
CA THR A 58 15.57 -24.32 -9.67
C THR A 58 15.83 -23.20 -8.64
N ASP A 59 15.38 -21.98 -8.93
CA ASP A 59 15.62 -20.83 -8.05
C ASP A 59 14.52 -20.63 -6.98
N TYR A 60 13.63 -21.59 -6.87
CA TYR A 60 12.65 -21.58 -5.80
C TYR A 60 13.37 -21.35 -4.48
N PRO A 61 12.75 -20.57 -3.56
CA PRO A 61 11.53 -19.83 -3.86
C PRO A 61 11.73 -18.37 -4.30
N PHE A 62 12.68 -18.05 -5.17
CA PHE A 62 12.75 -16.67 -5.65
C PHE A 62 11.76 -16.52 -6.78
N LYS A 63 11.51 -17.65 -7.43
CA LYS A 63 10.55 -17.73 -8.51
C LYS A 63 9.41 -18.63 -8.04
N PRO A 64 8.19 -18.38 -8.55
CA PRO A 64 7.04 -19.17 -8.10
C PRO A 64 7.07 -20.63 -8.58
N PRO A 65 6.43 -21.54 -7.81
CA PRO A 65 6.28 -22.89 -8.33
C PRO A 65 5.25 -22.79 -9.45
N LYS A 66 5.27 -23.69 -10.44
CA LYS A 66 4.18 -23.71 -11.43
C LYS A 66 3.11 -24.63 -10.90
N VAL A 67 1.91 -24.09 -10.70
CA VAL A 67 0.80 -24.89 -10.18
C VAL A 67 -0.32 -24.99 -11.21
N ALA A 68 -0.85 -26.19 -11.37
CA ALA A 68 -1.99 -26.45 -12.26
C ALA A 68 -2.90 -27.55 -11.72
N PHE A 69 -4.20 -27.41 -12.02
CA PHE A 69 -5.19 -28.45 -11.76
C PHE A 69 -5.02 -29.60 -12.73
N THR A 70 -4.88 -30.80 -12.18
CA THR A 70 -5.06 -32.04 -12.90
C THR A 70 -6.55 -32.44 -12.99
N THR A 71 -7.28 -32.32 -11.88
CA THR A 71 -8.71 -32.56 -11.87
C THR A 71 -9.41 -31.45 -12.64
N ARG A 72 -10.45 -31.80 -13.37
CA ARG A 72 -11.30 -30.82 -14.05
C ARG A 72 -12.12 -30.06 -13.02
N ILE A 73 -12.26 -28.76 -13.21
CA ILE A 73 -13.04 -27.93 -12.29
C ILE A 73 -13.75 -26.81 -13.05
N TYR A 74 -14.95 -26.45 -12.62
CA TYR A 74 -15.74 -25.45 -13.31
C TYR A 74 -15.60 -24.10 -12.60
N HIS A 75 -14.96 -23.15 -13.26
CA HIS A 75 -14.53 -21.94 -12.56
C HIS A 75 -13.92 -21.00 -13.56
N PRO A 76 -14.27 -19.71 -13.44
CA PRO A 76 -13.91 -18.65 -14.39
C PRO A 76 -12.44 -18.28 -14.43
N ASN A 77 -11.70 -18.55 -13.35
CA ASN A 77 -10.26 -18.25 -13.30
C ASN A 77 -9.32 -19.41 -13.58
N ILE A 78 -9.91 -20.57 -13.88
CA ILE A 78 -9.16 -21.81 -14.12
C ILE A 78 -9.67 -22.41 -15.41
N ASN A 79 -8.78 -22.70 -16.34
CA ASN A 79 -9.20 -23.20 -17.66
C ASN A 79 -9.17 -24.74 -17.78
N SER A 80 -9.37 -25.24 -19.00
CA SER A 80 -9.52 -26.69 -19.20
C SER A 80 -8.17 -27.42 -19.21
N ASN A 81 -7.08 -26.67 -19.30
CA ASN A 81 -5.75 -27.24 -19.08
C ASN A 81 -5.37 -27.27 -17.61
N GLY A 82 -6.29 -26.79 -16.77
CA GLY A 82 -6.07 -26.68 -15.34
C GLY A 82 -5.19 -25.50 -15.00
N SER A 83 -4.96 -24.62 -15.99
CA SER A 83 -4.17 -23.42 -15.76
C SER A 83 -4.88 -22.49 -14.81
N ILE A 84 -4.14 -21.99 -13.82
CA ILE A 84 -4.70 -21.07 -12.85
C ILE A 84 -4.11 -19.66 -13.07
N LYS A 85 -4.97 -18.69 -13.34
CA LYS A 85 -4.47 -17.34 -13.48
C LYS A 85 -4.79 -16.66 -12.16
N LEU A 86 -3.73 -16.50 -11.37
CA LEU A 86 -3.84 -16.01 -10.01
C LEU A 86 -2.56 -15.23 -9.82
N ASP A 87 -2.65 -14.07 -9.17
CA ASP A 87 -1.53 -13.13 -9.20
C ASP A 87 -0.32 -13.62 -8.41
N ILE A 88 -0.55 -14.31 -7.30
CA ILE A 88 0.56 -14.78 -6.48
C ILE A 88 1.34 -15.90 -7.17
N LEU A 89 0.82 -16.40 -8.28
CA LEU A 89 1.58 -17.36 -9.08
C LEU A 89 2.42 -16.65 -10.14
N ARG A 90 2.17 -15.37 -10.37
CA ARG A 90 3.05 -14.63 -11.27
C ARG A 90 3.68 -13.35 -10.71
N SER A 91 2.90 -12.27 -10.68
CA SER A 91 3.46 -10.95 -10.36
C SER A 91 3.60 -10.76 -8.87
N GLN A 92 2.58 -11.21 -8.15
CA GLN A 92 2.41 -10.99 -6.74
C GLN A 92 3.04 -12.08 -5.89
N TRP A 93 3.79 -12.97 -6.53
CA TRP A 93 4.50 -13.99 -5.78
C TRP A 93 5.39 -13.37 -4.69
N SER A 94 5.45 -14.04 -3.55
CA SER A 94 6.39 -13.71 -2.50
C SER A 94 7.14 -14.99 -2.07
N PRO A 95 8.46 -14.86 -1.84
CA PRO A 95 9.28 -16.01 -1.44
C PRO A 95 8.88 -16.57 -0.07
N ALA A 96 8.10 -15.80 0.71
CA ALA A 96 7.59 -16.28 1.98
C ALA A 96 6.35 -17.18 1.82
N LEU A 97 5.78 -17.25 0.62
CA LEU A 97 4.66 -18.17 0.43
C LEU A 97 5.16 -19.60 0.29
N THR A 98 4.48 -20.51 0.97
CA THR A 98 4.84 -21.91 0.94
C THR A 98 3.66 -22.63 0.29
N ILE A 99 3.90 -23.84 -0.18
CA ILE A 99 2.84 -24.63 -0.83
C ILE A 99 1.56 -24.69 -0.01
N SER A 100 1.67 -24.97 1.29
CA SER A 100 0.49 -24.97 2.15
C SER A 100 -0.32 -23.70 1.96
N LYS A 101 0.37 -22.56 1.93
CA LYS A 101 -0.33 -21.27 1.87
C LYS A 101 -0.84 -21.02 0.45
N VAL A 102 -0.05 -21.42 -0.55
CA VAL A 102 -0.51 -21.36 -1.93
C VAL A 102 -1.78 -22.22 -2.11
N LEU A 103 -1.77 -23.43 -1.56
CA LEU A 103 -2.93 -24.30 -1.65
C LEU A 103 -4.15 -23.72 -0.95
N LEU A 104 -3.93 -23.15 0.23
CA LEU A 104 -5.01 -22.47 0.93
C LEU A 104 -5.52 -21.28 0.12
N SER A 105 -4.64 -20.55 -0.54
CA SER A 105 -5.10 -19.39 -1.29
C SER A 105 -5.97 -19.88 -2.42
N ILE A 106 -5.58 -20.99 -3.02
CA ILE A 106 -6.32 -21.54 -4.15
C ILE A 106 -7.72 -21.96 -3.74
N CYS A 107 -7.89 -22.65 -2.61
CA CYS A 107 -9.25 -22.96 -2.09
C CYS A 107 -10.09 -21.70 -1.92
N SER A 108 -9.48 -20.66 -1.39
CA SER A 108 -10.23 -19.43 -1.14
C SER A 108 -10.64 -18.82 -2.47
N LEU A 109 -9.84 -19.04 -3.50
CA LEU A 109 -10.21 -18.60 -4.84
C LEU A 109 -11.44 -19.36 -5.35
N LEU A 110 -11.56 -20.63 -5.00
CA LEU A 110 -12.68 -21.43 -5.46
C LEU A 110 -13.99 -20.77 -5.05
N CYS A 111 -14.07 -20.32 -3.79
CA CYS A 111 -15.30 -19.69 -3.27
C CYS A 111 -15.42 -18.18 -3.50
N ASP A 112 -14.41 -17.57 -4.09
CA ASP A 112 -14.43 -16.12 -4.32
C ASP A 112 -13.81 -15.79 -5.67
N PRO A 113 -14.48 -16.23 -6.76
CA PRO A 113 -13.90 -16.02 -8.08
C PRO A 113 -13.86 -14.56 -8.49
N ASN A 114 -13.27 -14.30 -9.64
CA ASN A 114 -13.20 -12.97 -10.22
C ASN A 114 -13.72 -12.95 -11.66
N PRO A 115 -15.04 -12.79 -11.83
CA PRO A 115 -15.68 -12.77 -13.15
C PRO A 115 -15.32 -11.54 -13.98
N ASP A 116 -14.78 -10.50 -13.34
CA ASP A 116 -14.51 -9.22 -14.02
C ASP A 116 -13.35 -9.29 -15.00
N ASP A 117 -12.32 -10.08 -14.68
CA ASP A 117 -11.19 -10.30 -15.59
C ASP A 117 -10.89 -11.79 -15.78
N PRO A 118 -11.80 -12.52 -16.44
CA PRO A 118 -11.87 -13.99 -16.45
C PRO A 118 -10.84 -14.69 -17.33
N LEU A 119 -10.40 -15.86 -16.89
CA LEU A 119 -9.55 -16.70 -17.71
C LEU A 119 -10.41 -17.41 -18.75
N VAL A 120 -11.66 -17.68 -18.36
CA VAL A 120 -12.66 -18.33 -19.22
C VAL A 120 -13.91 -17.45 -19.31
N PRO A 121 -13.97 -16.59 -20.34
CA PRO A 121 -15.07 -15.62 -20.48
C PRO A 121 -16.41 -16.32 -20.43
N GLU A 122 -16.53 -17.45 -21.13
CA GLU A 122 -17.81 -18.12 -21.26
C GLU A 122 -18.41 -18.47 -19.87
N ILE A 123 -17.56 -18.89 -18.93
CA ILE A 123 -18.03 -19.18 -17.57
C ILE A 123 -18.27 -17.89 -16.76
N ALA A 124 -17.58 -16.82 -17.14
CA ALA A 124 -17.78 -15.54 -16.47
C ALA A 124 -19.21 -15.04 -16.62
N ARG A 125 -19.75 -15.10 -17.83
CA ARG A 125 -21.11 -14.63 -18.06
C ARG A 125 -22.15 -15.39 -17.21
N ILE A 126 -21.99 -16.69 -17.11
CA ILE A 126 -22.91 -17.47 -16.27
C ILE A 126 -22.85 -17.09 -14.79
N TYR A 127 -21.64 -16.87 -14.28
CA TYR A 127 -21.48 -16.47 -12.89
C TYR A 127 -22.19 -15.13 -12.65
N LYS A 128 -22.02 -14.19 -13.57
CA LYS A 128 -22.58 -12.86 -13.46
C LYS A 128 -24.11 -12.84 -13.61
N THR A 129 -24.62 -13.55 -14.61
CA THR A 129 -26.05 -13.44 -14.91
C THR A 129 -26.91 -14.33 -14.00
N ASP A 130 -26.88 -15.65 -14.21
CA ASP A 130 -27.64 -16.56 -13.33
C ASP A 130 -26.74 -17.47 -12.49
N ARG A 131 -26.71 -17.20 -11.20
CA ARG A 131 -25.80 -17.87 -10.27
C ARG A 131 -26.28 -19.27 -9.89
N GLU A 132 -27.58 -19.53 -10.02
CA GLU A 132 -28.09 -20.86 -9.69
C GLU A 132 -27.63 -21.84 -10.75
N LYS A 133 -27.53 -21.36 -11.99
CA LYS A 133 -27.01 -22.15 -13.10
C LYS A 133 -25.53 -22.45 -12.94
N TYR A 134 -24.74 -21.39 -12.79
CA TYR A 134 -23.30 -21.52 -12.58
C TYR A 134 -23.02 -22.48 -11.44
N ASN A 135 -23.76 -22.37 -10.35
CA ASN A 135 -23.58 -23.30 -9.24
C ASN A 135 -24.02 -24.72 -9.59
N ARG A 136 -25.01 -24.81 -10.46
CA ARG A 136 -25.57 -26.10 -10.83
C ARG A 136 -24.52 -26.86 -11.63
N ILE A 137 -23.93 -26.18 -12.60
CA ILE A 137 -22.90 -26.80 -13.43
C ILE A 137 -21.69 -27.17 -12.59
N ALA A 138 -21.30 -26.28 -11.67
CA ALA A 138 -20.11 -26.53 -10.84
C ALA A 138 -20.31 -27.80 -10.02
N ARG A 139 -21.55 -28.03 -9.63
CA ARG A 139 -21.89 -29.18 -8.82
C ARG A 139 -21.84 -30.48 -9.64
N GLU A 140 -22.28 -30.40 -10.89
CA GLU A 140 -22.28 -31.56 -11.79
C GLU A 140 -20.86 -31.95 -12.14
N TRP A 141 -20.05 -30.96 -12.52
CA TRP A 141 -18.63 -31.19 -12.78
C TRP A 141 -17.91 -31.83 -11.61
N THR A 142 -18.26 -31.42 -10.40
CA THR A 142 -17.68 -32.02 -9.22
C THR A 142 -17.98 -33.51 -9.14
N GLN A 143 -19.23 -33.88 -9.39
CA GLN A 143 -19.61 -35.29 -9.32
C GLN A 143 -19.08 -36.08 -10.48
N LYS A 144 -19.02 -35.45 -11.64
CA LYS A 144 -18.60 -36.18 -12.84
C LYS A 144 -17.09 -36.42 -12.78
N TYR A 145 -16.37 -35.31 -12.76
CA TYR A 145 -14.91 -35.20 -12.72
C TYR A 145 -14.13 -35.30 -11.40
N ALA A 146 -14.73 -34.83 -10.30
CA ALA A 146 -14.01 -34.66 -9.03
C ALA A 146 -14.18 -35.75 -7.96
N MET A 147 -14.88 -36.82 -8.28
CA MET A 147 -15.10 -37.87 -7.27
C MET A 147 -13.97 -38.89 -7.35
N GLN B 7 -10.40 -15.49 23.09
CA GLN B 7 -9.12 -15.86 22.49
C GLN B 7 -9.26 -16.71 21.23
N ILE B 8 -8.55 -16.30 20.17
CA ILE B 8 -8.44 -17.13 18.96
C ILE B 8 -6.98 -17.20 18.49
N PHE B 9 -6.72 -18.11 17.55
CA PHE B 9 -5.37 -18.30 17.06
C PHE B 9 -5.26 -17.97 15.59
N VAL B 10 -4.14 -17.37 15.21
CA VAL B 10 -3.86 -17.10 13.81
C VAL B 10 -2.55 -17.76 13.38
N LYS B 11 -2.60 -18.51 12.29
CA LYS B 11 -1.40 -19.07 11.70
C LYS B 11 -0.89 -18.05 10.68
N THR B 12 0.26 -17.48 11.00
CA THR B 12 0.92 -16.43 10.23
C THR B 12 1.43 -16.95 8.89
N LEU B 13 1.71 -16.03 7.97
CA LEU B 13 2.29 -16.32 6.65
C LEU B 13 3.53 -17.26 6.69
N THR B 14 4.40 -17.03 7.67
CA THR B 14 5.61 -17.83 7.82
C THR B 14 5.37 -19.09 8.64
N GLY B 15 4.14 -19.32 9.06
CA GLY B 15 3.79 -20.56 9.74
C GLY B 15 3.82 -20.54 11.27
N LYS B 16 4.08 -19.40 11.88
CA LYS B 16 4.01 -19.29 13.33
C LYS B 16 2.57 -19.08 13.80
N THR B 17 2.27 -19.47 15.03
CA THR B 17 0.94 -19.29 15.60
C THR B 17 0.93 -18.16 16.61
N ILE B 18 0.06 -17.17 16.41
CA ILE B 18 -0.10 -16.09 17.37
C ILE B 18 -1.47 -16.20 18.05
N THR B 19 -1.54 -15.72 19.29
CA THR B 19 -2.80 -15.77 20.03
C THR B 19 -3.44 -14.40 20.14
N LEU B 20 -4.74 -14.33 19.81
CA LEU B 20 -5.49 -13.07 19.85
C LEU B 20 -6.66 -13.08 20.84
N GLU B 21 -6.81 -11.98 21.57
CA GLU B 21 -7.96 -11.77 22.44
C GLU B 21 -8.98 -10.93 21.69
N VAL B 22 -10.17 -11.51 21.48
CA VAL B 22 -11.14 -10.93 20.56
C VAL B 22 -12.56 -10.96 21.14
N GLU B 23 -13.36 -9.97 20.74
CA GLU B 23 -14.79 -9.93 21.06
C GLU B 23 -15.59 -10.74 20.03
N PRO B 24 -16.59 -11.50 20.49
CA PRO B 24 -17.38 -12.33 19.57
C PRO B 24 -18.00 -11.49 18.46
N SER B 25 -18.30 -10.24 18.79
CA SER B 25 -18.93 -9.34 17.83
C SER B 25 -17.90 -8.52 17.05
N ASP B 26 -16.62 -8.80 17.27
CA ASP B 26 -15.54 -8.06 16.62
C ASP B 26 -15.56 -8.19 15.10
N THR B 27 -15.18 -7.13 14.42
CA THR B 27 -15.20 -7.10 12.96
C THR B 27 -13.85 -7.52 12.36
N ILE B 28 -13.90 -8.24 11.25
CA ILE B 28 -12.68 -8.71 10.59
C ILE B 28 -11.68 -7.57 10.42
N GLU B 29 -12.17 -6.40 10.00
CA GLU B 29 -11.31 -5.22 9.78
C GLU B 29 -10.47 -4.86 11.01
N ASN B 30 -11.05 -5.08 12.20
CA ASN B 30 -10.37 -4.84 13.48
C ASN B 30 -9.30 -5.88 13.74
N VAL B 31 -9.70 -7.14 13.60
CA VAL B 31 -8.79 -8.27 13.73
C VAL B 31 -7.53 -8.06 12.89
N LYS B 32 -7.73 -7.72 11.62
CA LYS B 32 -6.60 -7.45 10.77
C LYS B 32 -5.75 -6.36 11.41
N ALA B 33 -6.41 -5.35 11.96
CA ALA B 33 -5.70 -4.24 12.61
C ALA B 33 -4.86 -4.79 13.74
N LYS B 34 -5.42 -5.73 14.51
CA LYS B 34 -4.68 -6.31 15.62
C LYS B 34 -3.44 -7.03 15.10
N ILE B 35 -3.65 -7.80 14.03
CA ILE B 35 -2.57 -8.56 13.41
C ILE B 35 -1.47 -7.62 12.94
N GLN B 36 -1.87 -6.45 12.46
CA GLN B 36 -0.90 -5.46 12.04
C GLN B 36 -0.03 -5.04 13.22
N ASP B 37 -0.62 -4.94 14.41
CA ASP B 37 0.11 -4.54 15.60
C ASP B 37 1.16 -5.59 15.99
N LYS B 38 0.80 -6.86 15.90
CA LYS B 38 1.72 -7.94 16.23
C LYS B 38 2.73 -8.29 15.14
N GLU B 39 2.27 -8.43 13.90
CA GLU B 39 3.13 -8.90 12.83
C GLU B 39 3.67 -7.84 11.88
N GLY B 40 3.18 -6.61 12.04
CA GLY B 40 3.59 -5.52 11.17
C GLY B 40 3.22 -5.70 9.71
N ILE B 41 2.04 -6.30 9.47
CA ILE B 41 1.47 -6.41 8.13
C ILE B 41 0.26 -5.50 7.93
N PRO B 42 0.26 -4.70 6.86
CA PRO B 42 -0.88 -3.86 6.49
C PRO B 42 -2.13 -4.71 6.29
N PRO B 43 -3.27 -4.28 6.83
CA PRO B 43 -4.50 -5.06 6.72
C PRO B 43 -4.93 -5.22 5.25
N ASP B 44 -4.49 -4.31 4.40
CA ASP B 44 -4.80 -4.38 2.99
C ASP B 44 -4.06 -5.54 2.31
N GLN B 45 -3.00 -6.03 2.94
CA GLN B 45 -2.21 -7.14 2.40
C GLN B 45 -2.57 -8.47 3.04
N GLN B 46 -3.48 -8.43 3.99
CA GLN B 46 -3.91 -9.62 4.68
C GLN B 46 -5.18 -10.21 4.07
N ARG B 47 -5.24 -11.54 4.03
CA ARG B 47 -6.44 -12.26 3.66
C ARG B 47 -6.57 -13.33 4.70
N LEU B 48 -7.67 -13.31 5.44
CA LEU B 48 -7.91 -14.34 6.43
C LEU B 48 -8.81 -15.44 5.87
N ILE B 49 -8.37 -16.69 6.04
CA ILE B 49 -9.12 -17.83 5.52
C ILE B 49 -9.63 -18.71 6.66
N PHE B 50 -10.88 -19.14 6.55
CA PHE B 50 -11.43 -20.10 7.50
C PHE B 50 -12.39 -21.04 6.77
N ALA B 51 -12.36 -22.32 7.11
CA ALA B 51 -13.15 -23.32 6.41
C ALA B 51 -12.90 -23.25 4.89
N GLY B 52 -11.68 -22.89 4.52
CA GLY B 52 -11.30 -22.81 3.11
C GLY B 52 -11.86 -21.61 2.39
N LYS B 53 -12.67 -20.82 3.10
CA LYS B 53 -13.28 -19.63 2.53
C LYS B 53 -12.68 -18.33 3.10
N GLN B 54 -12.59 -17.30 2.28
CA GLN B 54 -12.06 -16.00 2.73
C GLN B 54 -12.98 -15.33 3.74
N LEU B 55 -12.44 -14.35 4.47
CA LEU B 55 -13.24 -13.58 5.42
C LEU B 55 -13.36 -12.11 4.99
N GLU B 56 -14.59 -11.67 4.77
CA GLU B 56 -14.87 -10.30 4.31
C GLU B 56 -14.70 -9.32 5.45
N ASP B 57 -14.01 -8.21 5.17
CA ASP B 57 -13.73 -7.17 6.18
C ASP B 57 -14.98 -6.68 6.89
N GLY B 58 -15.99 -6.28 6.12
CA GLY B 58 -17.22 -5.74 6.67
C GLY B 58 -17.89 -6.64 7.69
N ARG B 59 -17.69 -7.94 7.55
CA ARG B 59 -18.39 -8.91 8.39
C ARG B 59 -17.75 -8.94 9.77
N THR B 60 -18.18 -9.90 10.59
CA THR B 60 -17.65 -10.01 11.94
C THR B 60 -17.48 -11.47 12.34
N LEU B 61 -16.65 -11.72 13.36
CA LEU B 61 -16.42 -13.08 13.85
C LEU B 61 -17.74 -13.79 14.08
N SER B 62 -18.70 -13.05 14.65
CA SER B 62 -20.04 -13.59 14.88
C SER B 62 -20.62 -14.09 13.55
N ASP B 63 -20.67 -13.18 12.57
CA ASP B 63 -21.21 -13.50 11.26
C ASP B 63 -20.62 -14.80 10.71
N TYR B 64 -19.30 -14.98 10.89
CA TYR B 64 -18.62 -16.14 10.33
C TYR B 64 -18.60 -17.36 11.25
N ASN B 65 -19.25 -17.23 12.40
CA ASN B 65 -19.29 -18.34 13.35
C ASN B 65 -17.89 -18.76 13.76
N ILE B 66 -17.16 -17.87 14.43
CA ILE B 66 -15.86 -18.22 14.98
C ILE B 66 -15.97 -18.40 16.48
N GLN B 67 -15.87 -19.65 16.92
CA GLN B 67 -15.96 -19.94 18.35
C GLN B 67 -14.62 -19.66 19.00
N LYS B 68 -14.57 -19.79 20.32
CA LYS B 68 -13.33 -19.58 21.05
C LYS B 68 -12.35 -20.67 20.64
N GLU B 69 -11.08 -20.29 20.52
CA GLU B 69 -10.01 -21.25 20.22
C GLU B 69 -9.93 -21.66 18.74
N SER B 70 -10.84 -21.15 17.91
CA SER B 70 -10.81 -21.45 16.48
C SER B 70 -9.60 -20.79 15.80
N THR B 71 -8.93 -21.55 14.93
CA THR B 71 -7.71 -21.06 14.26
C THR B 71 -8.00 -20.47 12.87
N LEU B 72 -7.49 -19.25 12.64
CA LEU B 72 -7.60 -18.61 11.34
C LEU B 72 -6.28 -18.65 10.58
N HIS B 73 -6.36 -18.67 9.26
CA HIS B 73 -5.15 -18.79 8.48
C HIS B 73 -4.90 -17.52 7.70
N LEU B 74 -3.69 -16.97 7.85
CA LEU B 74 -3.34 -15.77 7.13
C LEU B 74 -2.53 -16.10 5.89
N VAL B 75 -2.95 -15.55 4.77
CA VAL B 75 -2.14 -15.60 3.55
C VAL B 75 -2.10 -14.17 3.00
N LEU B 76 -1.41 -13.97 1.89
CA LEU B 76 -1.32 -12.63 1.31
C LEU B 76 -2.53 -12.31 0.47
N ARG B 77 -2.84 -11.02 0.34
CA ARG B 77 -3.90 -10.60 -0.55
C ARG B 77 -3.62 -11.18 -1.94
N LEU B 78 -4.69 -11.58 -2.61
CA LEU B 78 -4.56 -12.14 -3.94
C LEU B 78 -5.70 -11.69 -4.84
N ARG B 79 -5.50 -11.82 -6.15
CA ARG B 79 -6.52 -11.49 -7.12
C ARG B 79 -6.59 -12.58 -8.22
N GLY B 80 -7.78 -13.12 -8.43
CA GLY B 80 -7.98 -14.04 -9.53
C GLY B 80 -8.07 -13.25 -10.82
N GLY B 81 -7.70 -13.85 -11.94
CA GLY B 81 -7.76 -13.12 -13.18
C GLY B 81 -7.64 -13.99 -14.41
N SER C 24 5.72 -18.74 20.60
CA SER C 24 6.09 -19.09 19.23
C SER C 24 7.29 -18.28 18.75
N LEU C 25 7.73 -17.33 19.56
CA LEU C 25 8.93 -16.54 19.29
C LEU C 25 10.22 -17.39 19.31
N PRO C 26 10.30 -18.36 20.23
CA PRO C 26 11.49 -19.23 20.26
C PRO C 26 11.72 -19.95 18.93
N LEU C 27 10.67 -20.54 18.38
CA LEU C 27 10.79 -21.24 17.11
C LEU C 27 11.13 -20.29 15.97
N ASN C 28 10.63 -19.05 16.02
CA ASN C 28 10.82 -18.14 14.90
C ASN C 28 12.19 -17.47 14.86
N ALA C 29 12.63 -16.94 15.99
CA ALA C 29 13.89 -16.21 16.06
C ALA C 29 15.11 -17.09 15.77
N ILE C 30 15.05 -18.35 16.16
CA ILE C 30 16.16 -19.28 16.00
C ILE C 30 16.13 -20.12 14.70
N GLU C 31 15.02 -20.06 13.98
CA GLU C 31 14.88 -20.78 12.72
C GLU C 31 15.79 -20.14 11.68
N PRO C 32 16.32 -20.91 10.74
CA PRO C 32 17.16 -20.24 9.74
C PRO C 32 16.37 -19.42 8.74
N CYS C 33 17.10 -18.84 7.79
CA CYS C 33 16.53 -18.00 6.76
C CYS C 33 15.34 -18.77 6.19
N VAL C 34 14.19 -18.12 6.04
CA VAL C 34 13.05 -18.82 5.45
C VAL C 34 13.30 -19.11 3.97
N ILE C 35 14.17 -18.32 3.36
CA ILE C 35 14.40 -18.41 1.92
C ILE C 35 15.35 -19.55 1.59
N CYS C 36 16.58 -19.49 2.06
CA CYS C 36 17.55 -20.55 1.77
C CYS C 36 17.61 -21.66 2.83
N GLN C 37 17.03 -21.41 3.99
CA GLN C 37 17.06 -22.34 5.12
C GLN C 37 18.48 -22.76 5.53
N GLY C 38 19.48 -21.99 5.11
CA GLY C 38 20.87 -22.31 5.40
C GLY C 38 21.63 -21.42 6.36
N ARG C 39 21.05 -20.28 6.69
CA ARG C 39 21.76 -19.27 7.46
C ARG C 39 20.81 -18.52 8.39
N PRO C 40 21.33 -18.06 9.54
CA PRO C 40 20.51 -17.39 10.57
C PRO C 40 19.84 -16.17 9.96
N LYS C 41 18.79 -15.64 10.57
CA LYS C 41 18.19 -14.49 9.92
C LYS C 41 18.89 -13.25 10.46
N ASN C 42 19.92 -12.82 9.75
CA ASN C 42 20.59 -11.55 10.04
C ASN C 42 20.41 -10.43 9.03
N GLY C 43 19.74 -10.68 7.91
CA GLY C 43 19.34 -9.61 7.01
C GLY C 43 18.04 -8.96 7.36
N CYS C 44 18.06 -7.68 7.70
CA CYS C 44 16.83 -7.04 8.12
C CYS C 44 16.39 -6.20 6.95
N ILE C 45 15.13 -6.34 6.57
CA ILE C 45 14.58 -5.65 5.42
C ILE C 45 13.90 -4.41 5.95
N VAL C 46 14.38 -3.23 5.56
CA VAL C 46 13.94 -1.98 6.17
C VAL C 46 12.95 -1.27 5.27
N HIS C 47 11.82 -0.86 5.83
CA HIS C 47 10.96 0.09 5.15
C HIS C 47 10.30 1.10 6.10
N GLY C 48 10.61 2.39 5.93
CA GLY C 48 10.06 3.40 6.83
C GLY C 48 10.52 3.16 8.25
N LYS C 49 9.58 3.16 9.20
CA LYS C 49 9.94 2.97 10.59
C LYS C 49 9.97 1.50 11.06
N THR C 50 9.79 0.56 10.13
CA THR C 50 9.76 -0.86 10.48
C THR C 50 10.58 -1.73 9.55
N GLY C 51 10.85 -2.95 10.01
CA GLY C 51 11.57 -3.88 9.16
C GLY C 51 11.06 -5.27 9.42
N HIS C 52 11.34 -6.19 8.50
CA HIS C 52 11.02 -7.58 8.74
C HIS C 52 12.31 -8.36 8.77
N LEU C 53 12.50 -9.13 9.83
CA LEU C 53 13.68 -9.96 9.94
C LEU C 53 13.27 -11.41 9.72
N MET C 54 13.61 -11.92 8.55
CA MET C 54 13.11 -13.18 8.02
C MET C 54 14.24 -13.98 7.35
N ALA C 55 15.01 -13.26 6.53
CA ALA C 55 15.99 -13.78 5.59
C ALA C 55 17.40 -13.49 6.04
N CYS C 56 18.36 -14.28 5.56
CA CYS C 56 19.74 -13.97 5.86
C CYS C 56 20.15 -12.74 5.05
N PHE C 57 21.37 -12.25 5.29
CA PHE C 57 21.83 -11.04 4.62
C PHE C 57 21.94 -11.25 3.10
N THR C 58 22.51 -12.38 2.69
CA THR C 58 22.67 -12.71 1.27
C THR C 58 21.33 -12.75 0.51
N CYS C 59 20.37 -13.51 1.04
CA CYS C 59 19.08 -13.65 0.39
C CYS C 59 18.34 -12.34 0.34
N ALA C 60 18.48 -11.54 1.39
CA ALA C 60 17.81 -10.26 1.45
C ALA C 60 18.42 -9.25 0.45
N LYS C 61 19.73 -9.29 0.29
CA LYS C 61 20.38 -8.42 -0.68
C LYS C 61 19.89 -8.71 -2.10
N LYS C 62 19.80 -9.99 -2.43
CA LYS C 62 19.24 -10.41 -3.74
C LYS C 62 17.86 -9.81 -4.00
N LEU C 63 17.00 -9.83 -3.00
CA LEU C 63 15.69 -9.21 -3.15
C LEU C 63 15.80 -7.73 -3.49
N LYS C 64 16.59 -7.01 -2.69
CA LYS C 64 16.81 -5.59 -2.91
C LYS C 64 17.37 -5.39 -4.32
N LYS C 65 18.44 -6.11 -4.63
CA LYS C 65 19.15 -6.00 -5.89
C LYS C 65 18.23 -6.21 -7.10
N ARG C 66 17.29 -7.13 -6.98
CA ARG C 66 16.33 -7.39 -8.04
C ARG C 66 15.10 -6.51 -7.91
N ASN C 67 15.13 -5.59 -6.95
CA ASN C 67 14.05 -4.63 -6.77
C ASN C 67 12.72 -5.31 -6.49
N LYS C 68 12.75 -6.43 -5.76
CA LYS C 68 11.53 -7.07 -5.28
C LYS C 68 11.05 -6.40 -3.98
N PRO C 69 9.75 -6.48 -3.66
CA PRO C 69 9.38 -5.87 -2.38
C PRO C 69 9.59 -6.80 -1.19
N CYS C 70 9.20 -6.35 0.00
CA CYS C 70 9.36 -7.18 1.18
C CYS C 70 8.45 -8.45 1.11
N PRO C 71 9.04 -9.64 1.25
CA PRO C 71 8.25 -10.89 1.14
C PRO C 71 7.03 -10.91 2.06
N VAL C 72 7.16 -10.33 3.24
CA VAL C 72 6.13 -10.41 4.26
C VAL C 72 5.01 -9.38 4.14
N CYS C 73 5.33 -8.09 4.15
CA CYS C 73 4.32 -7.05 4.02
C CYS C 73 4.09 -6.52 2.58
N ARG C 74 5.00 -6.85 1.66
CA ARG C 74 4.98 -6.31 0.28
C ARG C 74 5.35 -4.81 0.07
N GLN C 75 5.63 -4.09 1.17
CA GLN C 75 6.21 -2.73 1.07
C GLN C 75 7.56 -2.69 0.37
N PRO C 76 7.86 -1.56 -0.31
CA PRO C 76 9.15 -1.39 -0.97
C PRO C 76 10.28 -1.54 0.04
N ILE C 77 11.39 -2.13 -0.37
CA ILE C 77 12.52 -2.28 0.53
C ILE C 77 13.42 -1.06 0.41
N GLN C 78 13.56 -0.29 1.49
CA GLN C 78 14.45 0.87 1.53
C GLN C 78 15.93 0.50 1.67
N MET C 79 16.22 -0.60 2.37
CA MET C 79 17.61 -1.05 2.48
C MET C 79 17.71 -2.33 3.27
N ILE C 80 18.85 -3.00 3.16
CA ILE C 80 19.12 -4.20 3.93
C ILE C 80 20.19 -3.87 4.96
N VAL C 81 19.86 -4.14 6.22
CA VAL C 81 20.79 -3.91 7.31
C VAL C 81 21.31 -5.23 7.83
N LEU C 82 22.63 -5.40 7.90
CA LEU C 82 23.20 -6.62 8.45
C LEU C 82 23.13 -6.52 9.97
N THR C 83 22.36 -7.40 10.60
CA THR C 83 21.95 -7.24 11.99
C THR C 83 22.60 -8.21 12.96
N TYR C 84 23.15 -7.67 14.05
CA TYR C 84 23.82 -8.47 15.07
C TYR C 84 22.98 -8.49 16.35
N PHE C 85 23.06 -9.57 17.12
CA PHE C 85 22.30 -9.65 18.37
C PHE C 85 23.15 -10.22 19.50
N PRO C 86 24.06 -9.42 20.05
CA PRO C 86 24.91 -9.92 21.12
C PRO C 86 24.25 -9.84 22.51
N GLU D 2 25.10 -19.07 16.76
CA GLU D 2 24.11 -19.48 17.76
C GLU D 2 23.80 -18.35 18.76
N ASP D 3 24.24 -17.13 18.46
CA ASP D 3 23.95 -15.96 19.30
C ASP D 3 22.55 -15.46 18.97
N CYS D 4 21.92 -16.15 18.02
CA CYS D 4 20.52 -15.92 17.66
C CYS D 4 19.57 -16.08 18.86
N GLN D 5 20.00 -16.81 19.90
CA GLN D 5 19.16 -17.02 21.07
C GLN D 5 19.02 -15.80 22.01
N ASN D 6 19.88 -14.81 21.85
CA ASN D 6 19.73 -13.55 22.58
C ASN D 6 18.43 -12.84 22.19
N LEU D 7 17.91 -13.12 21.00
CA LEU D 7 16.61 -12.58 20.63
C LEU D 7 15.46 -13.15 21.47
N LEU D 8 15.73 -14.17 22.28
CA LEU D 8 14.68 -14.65 23.19
C LEU D 8 14.61 -13.81 24.47
N LYS D 9 15.73 -13.21 24.85
CA LYS D 9 15.79 -12.42 26.08
C LYS D 9 15.04 -11.07 25.99
N PRO D 10 14.55 -10.57 27.12
CA PRO D 10 13.78 -9.32 27.15
C PRO D 10 14.72 -8.14 26.91
N CYS D 11 14.20 -6.96 26.63
CA CYS D 11 15.04 -5.81 26.35
C CYS D 11 16.12 -5.73 27.41
N SER D 12 17.38 -5.54 26.99
CA SER D 12 18.51 -5.50 27.92
C SER D 12 18.52 -4.33 28.90
N LEU D 13 17.58 -3.39 28.75
CA LEU D 13 17.51 -2.21 29.63
C LEU D 13 16.28 -2.23 30.53
N CYS D 14 15.10 -2.13 29.90
CA CYS D 14 13.84 -2.08 30.65
C CYS D 14 13.40 -3.48 31.03
N GLU D 15 13.78 -4.45 30.19
CA GLU D 15 13.50 -5.86 30.43
C GLU D 15 12.03 -6.20 30.58
N LYS D 16 11.17 -5.32 30.09
CA LYS D 16 9.74 -5.57 30.14
C LYS D 16 9.17 -5.88 28.76
N ARG D 17 10.02 -5.81 27.75
CA ARG D 17 9.57 -5.86 26.36
C ARG D 17 10.61 -6.63 25.54
N PRO D 18 10.19 -7.18 24.39
CA PRO D 18 11.07 -8.01 23.58
C PRO D 18 12.05 -7.09 22.85
N ARG D 19 13.15 -7.62 22.30
CA ARG D 19 14.06 -6.72 21.62
C ARG D 19 13.62 -6.64 20.15
N ASP D 20 12.76 -5.64 19.88
CA ASP D 20 12.30 -5.28 18.55
C ASP D 20 12.80 -3.94 18.01
N GLY D 21 13.59 -3.18 18.81
CA GLY D 21 14.30 -2.00 18.29
C GLY D 21 15.62 -2.30 17.62
N ASN D 22 15.76 -2.02 16.33
CA ASN D 22 17.05 -2.19 15.68
C ASN D 22 17.78 -0.84 15.63
N ILE D 23 18.98 -0.78 16.19
CA ILE D 23 19.75 0.44 16.23
C ILE D 23 20.67 0.44 15.00
N ILE D 24 20.39 1.33 14.06
CA ILE D 24 21.01 1.23 12.75
C ILE D 24 22.11 2.30 12.54
N HIS D 25 23.30 1.85 12.17
CA HIS D 25 24.41 2.76 11.88
C HIS D 25 25.05 2.34 10.57
N GLY D 26 24.93 3.18 9.55
CA GLY D 26 25.37 2.77 8.23
C GLY D 26 24.50 1.63 7.73
N ARG D 27 25.13 0.56 7.25
CA ARG D 27 24.46 -0.64 6.77
C ARG D 27 24.40 -1.76 7.81
N THR D 28 24.78 -1.48 9.05
CA THR D 28 24.66 -2.47 10.13
C THR D 28 23.73 -2.00 11.23
N GLY D 29 23.50 -2.89 12.19
CA GLY D 29 22.50 -2.62 13.20
C GLY D 29 22.69 -3.60 14.32
N HIS D 30 22.29 -3.17 15.51
CA HIS D 30 22.45 -3.97 16.72
C HIS D 30 21.07 -4.09 17.34
N LEU D 31 20.61 -5.31 17.56
CA LEU D 31 19.27 -5.43 18.08
C LEU D 31 19.41 -6.07 19.45
N VAL D 32 19.55 -5.20 20.46
CA VAL D 32 19.61 -5.58 21.88
C VAL D 32 18.55 -4.97 22.81
N THR D 33 17.70 -4.11 22.27
CA THR D 33 16.75 -3.42 23.09
C THR D 33 15.46 -3.38 22.34
N CYS D 34 14.41 -3.04 23.09
CA CYS D 34 13.10 -2.81 22.54
C CYS D 34 13.11 -1.54 21.71
N PHE D 35 12.08 -1.38 20.90
CA PHE D 35 11.89 -0.18 20.12
C PHE D 35 11.88 1.10 20.96
N HIS D 36 11.19 1.08 22.10
CA HIS D 36 11.03 2.31 22.91
C HIS D 36 12.32 2.73 23.54
N CYS D 37 13.06 1.78 24.08
CA CYS D 37 14.37 2.10 24.62
C CYS D 37 15.34 2.59 23.55
N ALA D 38 15.35 1.95 22.37
CA ALA D 38 16.25 2.36 21.30
C ALA D 38 15.90 3.75 20.84
N ARG D 39 14.61 4.05 20.81
CA ARG D 39 14.18 5.35 20.37
C ARG D 39 14.56 6.41 21.42
N ARG D 40 14.63 6.00 22.68
CA ARG D 40 14.95 6.92 23.75
C ARG D 40 16.45 7.17 23.80
N LEU D 41 17.25 6.15 23.50
CA LEU D 41 18.68 6.32 23.40
C LEU D 41 19.00 7.32 22.31
N LYS D 42 18.43 7.11 21.14
CA LYS D 42 18.67 8.02 20.02
C LYS D 42 18.35 9.46 20.45
N LYS D 43 17.19 9.64 21.04
CA LYS D 43 16.65 10.94 21.41
C LYS D 43 17.54 11.68 22.43
N ALA D 44 18.12 10.93 23.36
CA ALA D 44 19.07 11.44 24.33
C ALA D 44 20.48 11.74 23.75
N GLY D 45 20.70 11.42 22.48
CA GLY D 45 22.00 11.68 21.87
C GLY D 45 23.00 10.63 22.25
N ALA D 46 22.52 9.55 22.85
CA ALA D 46 23.41 8.47 23.22
C ALA D 46 23.84 7.71 21.95
N SER D 47 25.00 7.08 22.00
CA SER D 47 25.45 6.30 20.86
C SER D 47 24.97 4.85 21.04
N CYS D 48 25.28 3.96 20.10
CA CYS D 48 24.89 2.55 20.25
C CYS D 48 25.58 1.96 21.47
N PRO D 49 24.79 1.40 22.40
CA PRO D 49 25.35 0.86 23.65
C PRO D 49 26.32 -0.30 23.43
N ILE D 50 26.30 -0.89 22.24
CA ILE D 50 27.20 -2.01 21.96
C ILE D 50 28.51 -1.52 21.33
N CYS D 51 28.39 -0.90 20.17
CA CYS D 51 29.57 -0.49 19.41
C CYS D 51 29.88 0.99 19.50
N LYS D 52 29.07 1.73 20.25
CA LYS D 52 29.31 3.17 20.46
C LYS D 52 29.35 3.97 19.17
N LYS D 53 28.83 3.43 18.08
CA LYS D 53 28.70 4.21 16.85
C LYS D 53 27.45 5.08 16.95
N GLU D 54 27.43 6.18 16.20
CA GLU D 54 26.30 7.08 16.22
C GLU D 54 25.06 6.32 15.73
N ILE D 55 23.90 6.65 16.30
CA ILE D 55 22.67 5.98 15.95
C ILE D 55 21.98 6.77 14.84
N GLN D 56 22.01 6.24 13.62
CA GLN D 56 21.41 6.94 12.50
C GLN D 56 19.90 6.74 12.45
N LEU D 57 19.47 5.53 12.79
CA LEU D 57 18.06 5.20 12.71
C LEU D 57 17.67 4.11 13.72
N VAL D 58 16.44 4.18 14.19
CA VAL D 58 15.88 3.13 15.02
C VAL D 58 14.60 2.63 14.34
N ILE D 59 14.51 1.33 14.12
CA ILE D 59 13.32 0.74 13.49
C ILE D 59 12.71 -0.36 14.36
N LYS D 60 11.38 -0.49 14.29
CA LYS D 60 10.72 -1.60 14.98
C LYS D 60 10.82 -2.83 14.09
N VAL D 61 11.40 -3.88 14.63
CA VAL D 61 11.65 -5.09 13.87
C VAL D 61 10.63 -6.16 14.21
N PHE D 62 10.01 -6.76 13.18
CA PHE D 62 9.07 -7.86 13.35
C PHE D 62 9.70 -9.13 12.81
N ILE D 63 9.83 -10.12 13.67
CA ILE D 63 10.45 -11.36 13.27
C ILE D 63 9.43 -12.21 12.53
N ALA D 64 9.88 -12.82 11.43
CA ALA D 64 9.01 -13.66 10.62
C ALA D 64 9.84 -14.71 9.89
N ALA E 2 7.85 31.73 -3.57
CA ALA E 2 6.63 31.32 -2.89
C ALA E 2 5.41 32.05 -3.43
N LEU E 3 5.55 33.33 -3.73
CA LEU E 3 4.40 34.19 -3.98
C LEU E 3 3.53 33.76 -5.16
N LYS E 4 4.19 33.40 -6.27
CA LYS E 4 3.47 32.98 -7.48
C LYS E 4 2.64 31.74 -7.18
N ARG E 5 3.23 30.84 -6.41
CA ARG E 5 2.57 29.59 -6.02
C ARG E 5 1.42 29.83 -5.03
N ILE E 6 1.66 30.68 -4.03
CA ILE E 6 0.60 31.02 -3.08
C ILE E 6 -0.56 31.68 -3.79
N HIS E 7 -0.24 32.58 -4.70
CA HIS E 7 -1.24 33.27 -5.51
C HIS E 7 -2.01 32.32 -6.43
N LYS E 8 -1.30 31.37 -7.04
CA LYS E 8 -1.99 30.36 -7.85
C LYS E 8 -3.04 29.62 -7.03
N GLU E 9 -2.65 29.18 -5.83
CA GLU E 9 -3.56 28.44 -4.96
C GLU E 9 -4.77 29.28 -4.55
N LEU E 10 -4.54 30.55 -4.19
CA LEU E 10 -5.66 31.41 -3.78
C LEU E 10 -6.68 31.57 -4.90
N ASN E 11 -6.17 31.64 -6.12
CA ASN E 11 -6.99 31.91 -7.30
C ASN E 11 -7.86 30.70 -7.63
N ASP E 12 -7.31 29.51 -7.44
CA ASP E 12 -8.06 28.27 -7.61
C ASP E 12 -9.13 28.12 -6.53
N LEU E 13 -8.78 28.46 -5.29
CA LEU E 13 -9.77 28.46 -4.21
C LEU E 13 -10.88 29.44 -4.53
N ALA E 14 -10.53 30.69 -4.80
CA ALA E 14 -11.54 31.70 -5.05
C ALA E 14 -12.52 31.25 -6.13
N ARG E 15 -11.99 30.65 -7.19
CA ARG E 15 -12.81 30.17 -8.31
C ARG E 15 -13.60 28.86 -8.04
N ASP E 16 -12.92 27.86 -7.47
CA ASP E 16 -13.54 26.55 -7.26
C ASP E 16 -13.17 25.85 -5.94
N PRO E 17 -13.72 26.32 -4.82
CA PRO E 17 -13.45 25.72 -3.50
C PRO E 17 -14.17 24.37 -3.31
N PRO E 18 -13.56 23.42 -2.57
CA PRO E 18 -14.32 22.20 -2.26
C PRO E 18 -15.34 22.56 -1.19
N ALA E 19 -16.43 21.82 -1.11
CA ALA E 19 -17.53 22.19 -0.21
C ALA E 19 -17.06 22.41 1.23
N GLN E 20 -16.08 21.64 1.66
CA GLN E 20 -15.70 21.54 3.07
C GLN E 20 -14.78 22.64 3.59
N CYS E 21 -14.24 23.46 2.69
CA CYS E 21 -13.13 24.35 3.03
C CYS E 21 -13.27 25.75 2.44
N ARG E 22 -12.62 26.69 3.11
CA ARG E 22 -12.42 28.02 2.59
C ARG E 22 -11.10 28.48 3.19
N ALA E 23 -10.32 29.24 2.43
CA ALA E 23 -9.05 29.82 2.92
C ALA E 23 -8.66 31.06 2.13
N GLY E 24 -7.91 31.94 2.77
CA GLY E 24 -7.46 33.18 2.16
C GLY E 24 -6.68 34.05 3.13
N PRO E 25 -6.00 35.10 2.60
CA PRO E 25 -5.24 36.02 3.45
C PRO E 25 -6.16 36.66 4.46
N VAL E 26 -5.73 36.73 5.71
CA VAL E 26 -6.52 37.46 6.69
C VAL E 26 -6.40 38.97 6.40
N GLY E 27 -5.16 39.41 6.37
CA GLY E 27 -4.77 40.80 6.19
C GLY E 27 -4.27 41.16 4.81
N ASP E 28 -3.29 42.07 4.82
CA ASP E 28 -2.56 42.48 3.63
C ASP E 28 -1.30 41.64 3.36
N ASP E 29 -1.11 40.58 4.13
CA ASP E 29 0.07 39.70 4.02
C ASP E 29 -0.28 38.34 3.41
N MET E 30 0.30 38.04 2.24
CA MET E 30 -0.04 36.83 1.47
C MET E 30 0.42 35.54 2.10
N PHE E 31 1.45 35.64 2.94
CA PHE E 31 1.99 34.49 3.66
C PHE E 31 1.28 34.13 4.96
N HIS E 32 0.23 34.88 5.33
CA HIS E 32 -0.56 34.57 6.50
CA HIS E 32 -0.56 34.58 6.51
C HIS E 32 -2.03 34.42 6.13
N TRP E 33 -2.56 33.22 6.28
CA TRP E 33 -3.93 32.97 5.88
C TRP E 33 -4.79 32.51 7.04
N GLN E 34 -6.08 32.64 6.84
CA GLN E 34 -7.05 32.05 7.72
C GLN E 34 -7.79 31.01 6.89
N ALA E 35 -8.24 29.94 7.54
CA ALA E 35 -9.02 28.91 6.90
C ALA E 35 -10.19 28.49 7.77
N THR E 36 -11.23 27.95 7.15
CA THR E 36 -12.30 27.31 7.89
C THR E 36 -12.52 25.90 7.34
N ILE E 37 -12.96 25.01 8.22
CA ILE E 37 -13.27 23.63 7.86
C ILE E 37 -14.60 23.26 8.51
N MET E 38 -15.51 22.68 7.75
CA MET E 38 -16.75 22.17 8.33
C MET E 38 -16.50 20.80 8.93
N GLY E 39 -16.94 20.60 10.18
CA GLY E 39 -16.88 19.30 10.80
C GLY E 39 -17.54 18.31 9.85
N PRO E 40 -16.94 17.13 9.69
CA PRO E 40 -17.54 16.07 8.85
C PRO E 40 -18.86 15.59 9.41
N ASN E 41 -19.80 15.33 8.51
CA ASN E 41 -21.05 14.66 8.84
C ASN E 41 -20.79 13.28 9.40
N ASP E 42 -21.64 12.87 10.34
CA ASP E 42 -21.50 11.59 11.00
C ASP E 42 -20.23 11.49 11.86
N SER E 43 -19.73 12.63 12.34
CA SER E 43 -18.74 12.63 13.40
C SER E 43 -19.27 13.43 14.60
N PRO E 44 -18.53 13.43 15.72
CA PRO E 44 -18.92 14.28 16.84
C PRO E 44 -18.76 15.76 16.49
N TYR E 45 -18.04 16.03 15.41
CA TYR E 45 -17.75 17.41 15.01
C TYR E 45 -18.76 17.96 14.02
N GLN E 46 -19.74 17.16 13.66
CA GLN E 46 -20.71 17.58 12.66
C GLN E 46 -21.44 18.84 13.08
N GLY E 47 -21.62 19.78 12.14
CA GLY E 47 -22.26 21.06 12.44
C GLY E 47 -21.27 22.13 12.90
N GLY E 48 -20.06 21.73 13.27
CA GLY E 48 -19.07 22.71 13.68
C GLY E 48 -18.36 23.36 12.50
N VAL E 49 -18.03 24.63 12.67
CA VAL E 49 -17.18 25.39 11.76
C VAL E 49 -15.87 25.69 12.49
N PHE E 50 -14.76 25.17 11.99
CA PHE E 50 -13.46 25.29 12.67
C PHE E 50 -12.49 26.24 11.96
N PHE E 51 -11.92 27.18 12.71
CA PHE E 51 -10.98 28.14 12.14
C PHE E 51 -9.54 27.73 12.31
N LEU E 52 -8.72 28.08 11.34
CA LEU E 52 -7.32 27.71 11.40
C LEU E 52 -6.47 28.89 10.96
N THR E 53 -5.21 28.95 11.39
CA THR E 53 -4.27 29.93 10.82
C THR E 53 -3.28 29.19 9.91
N ILE E 54 -2.87 29.83 8.83
CA ILE E 54 -1.83 29.25 7.97
C ILE E 54 -0.68 30.26 7.75
N HIS E 55 0.54 29.85 8.05
CA HIS E 55 1.73 30.66 7.79
CA HIS E 55 1.71 30.67 7.79
C HIS E 55 2.63 29.92 6.82
N PHE E 56 2.83 30.48 5.62
CA PHE E 56 3.71 29.84 4.64
C PHE E 56 5.14 30.30 4.85
N PRO E 57 6.08 29.35 4.86
CA PRO E 57 7.46 29.82 4.93
C PRO E 57 7.86 30.47 3.61
N THR E 58 9.07 31.03 3.56
CA THR E 58 9.46 31.81 2.39
C THR E 58 9.89 30.89 1.25
N ASP E 59 10.30 29.67 1.61
CA ASP E 59 10.69 28.61 0.66
C ASP E 59 9.56 27.62 0.31
N TYR E 60 8.35 27.94 0.74
CA TYR E 60 7.19 27.24 0.24
C TYR E 60 7.21 27.24 -1.29
N PRO E 61 6.72 26.16 -1.93
CA PRO E 61 6.37 24.92 -1.21
C PRO E 61 7.42 23.83 -1.11
N PHE E 62 8.69 24.10 -0.84
CA PHE E 62 9.63 23.02 -0.62
C PHE E 62 9.56 22.65 0.84
N LYS E 63 8.94 23.53 1.63
CA LYS E 63 8.76 23.34 3.06
C LYS E 63 7.27 23.52 3.33
N PRO E 64 6.73 22.77 4.30
CA PRO E 64 5.30 22.82 4.61
C PRO E 64 4.85 24.15 5.20
N PRO E 65 3.57 24.49 5.01
CA PRO E 65 3.03 25.67 5.70
C PRO E 65 2.88 25.33 7.17
N LYS E 66 2.90 26.33 8.05
CA LYS E 66 2.59 26.06 9.44
C LYS E 66 1.08 26.23 9.60
N VAL E 67 0.41 25.15 9.96
CA VAL E 67 -1.04 25.15 10.12
C VAL E 67 -1.46 24.85 11.56
N ALA E 68 -2.40 25.62 12.09
CA ALA E 68 -2.91 25.44 13.45
C ALA E 68 -4.39 25.82 13.56
N PHE E 69 -5.13 25.07 14.37
CA PHE E 69 -6.49 25.48 14.76
C PHE E 69 -6.43 26.71 15.67
N THR E 70 -7.26 27.70 15.35
CA THR E 70 -7.60 28.71 16.33
C THR E 70 -8.77 28.26 17.22
N THR E 71 -9.71 27.55 16.60
CA THR E 71 -10.87 27.01 17.28
C THR E 71 -10.45 25.86 18.18
N ARG E 72 -10.91 25.87 19.43
CA ARG E 72 -10.67 24.78 20.36
C ARG E 72 -11.39 23.51 19.90
N ILE E 73 -10.71 22.38 19.99
CA ILE E 73 -11.28 21.14 19.49
C ILE E 73 -10.75 19.98 20.31
N TYR E 74 -11.56 18.95 20.47
CA TYR E 74 -11.21 17.81 21.31
C TYR E 74 -10.74 16.65 20.43
N HIS E 75 -9.49 16.21 20.58
CA HIS E 75 -8.89 15.25 19.63
C HIS E 75 -7.48 14.82 20.10
N PRO E 76 -7.16 13.54 19.96
CA PRO E 76 -5.89 13.04 20.48
C PRO E 76 -4.67 13.68 19.79
N ASN E 77 -4.79 14.02 18.51
CA ASN E 77 -3.63 14.53 17.75
C ASN E 77 -3.51 16.07 17.63
N ILE E 78 -4.41 16.80 18.28
CA ILE E 78 -4.43 18.26 18.28
C ILE E 78 -4.46 18.75 19.72
N ASN E 79 -3.49 19.57 20.12
CA ASN E 79 -3.43 20.04 21.51
C ASN E 79 -4.17 21.35 21.77
N SER E 80 -4.01 21.88 22.98
CA SER E 80 -4.76 23.07 23.40
C SER E 80 -4.28 24.36 22.71
N ASN E 81 -3.13 24.33 22.05
CA ASN E 81 -2.67 25.44 21.21
C ASN E 81 -3.24 25.40 19.80
N GLY E 82 -3.95 24.32 19.47
CA GLY E 82 -4.42 24.12 18.10
C GLY E 82 -3.34 23.51 17.21
N SER E 83 -2.18 23.21 17.79
CA SER E 83 -1.11 22.52 17.09
C SER E 83 -1.54 21.14 16.63
N ILE E 84 -1.29 20.84 15.36
CA ILE E 84 -1.69 19.57 14.78
C ILE E 84 -0.46 18.72 14.53
N LYS E 85 -0.41 17.51 15.09
CA LYS E 85 0.73 16.69 14.80
C LYS E 85 0.32 15.68 13.73
N LEU E 86 0.82 15.92 12.52
CA LEU E 86 0.39 15.21 11.33
C LEU E 86 1.64 15.08 10.47
N ASP E 87 1.91 13.90 9.92
CA ASP E 87 3.17 13.67 9.21
C ASP E 87 3.38 14.49 7.92
N ILE E 88 2.31 14.75 7.17
CA ILE E 88 2.38 15.58 5.96
C ILE E 88 2.69 17.05 6.29
N LEU E 89 2.62 17.39 7.57
CA LEU E 89 3.05 18.71 7.99
C LEU E 89 4.51 18.74 8.45
N ARG E 90 5.15 17.59 8.61
CA ARG E 90 6.60 17.63 8.76
C ARG E 90 7.47 16.77 7.80
N SER E 91 7.63 15.48 8.09
CA SER E 91 8.58 14.67 7.32
C SER E 91 8.00 14.14 6.00
N GLN E 92 6.69 13.97 6.01
CA GLN E 92 5.95 13.46 4.87
C GLN E 92 5.36 14.56 3.97
N TRP E 93 5.71 15.82 4.23
CA TRP E 93 5.25 16.90 3.36
C TRP E 93 5.66 16.61 1.91
N SER E 94 4.82 17.02 0.96
CA SER E 94 5.17 17.00 -0.44
C SER E 94 4.75 18.32 -1.09
N PRO E 95 5.60 18.88 -1.96
CA PRO E 95 5.34 20.17 -2.61
C PRO E 95 4.11 20.15 -3.49
N ALA E 96 3.62 18.95 -3.81
CA ALA E 96 2.43 18.85 -4.62
C ALA E 96 1.17 19.11 -3.79
N LEU E 97 1.28 19.06 -2.46
CA LEU E 97 0.12 19.34 -1.62
C LEU E 97 -0.15 20.84 -1.59
N THR E 98 -1.37 21.23 -1.93
CA THR E 98 -1.78 22.61 -1.76
C THR E 98 -2.58 22.75 -0.48
N ILE E 99 -2.95 23.99 -0.17
CA ILE E 99 -3.67 24.25 1.06
C ILE E 99 -5.01 23.52 1.12
N SER E 100 -5.78 23.54 0.04
CA SER E 100 -7.04 22.82 0.00
C SER E 100 -6.85 21.33 0.26
N LYS E 101 -5.76 20.73 -0.23
CA LYS E 101 -5.56 19.29 0.00
C LYS E 101 -5.12 19.07 1.43
N VAL E 102 -4.40 20.03 1.99
CA VAL E 102 -4.03 19.93 3.41
C VAL E 102 -5.25 20.06 4.34
N LEU E 103 -6.14 20.99 4.04
CA LEU E 103 -7.30 21.18 4.88
C LEU E 103 -8.14 19.92 4.82
N LEU E 104 -8.30 19.39 3.61
CA LEU E 104 -9.05 18.16 3.37
C LEU E 104 -8.42 16.98 4.12
N SER E 105 -7.09 16.90 4.09
CA SER E 105 -6.33 15.95 4.90
C SER E 105 -6.62 16.07 6.41
N ILE E 106 -6.59 17.29 6.92
CA ILE E 106 -6.81 17.57 8.34
C ILE E 106 -8.21 17.12 8.75
N CYS E 107 -9.18 17.44 7.91
CA CYS E 107 -10.57 17.11 8.11
C CYS E 107 -10.82 15.60 8.18
N SER E 108 -10.12 14.85 7.34
CA SER E 108 -10.21 13.39 7.38
C SER E 108 -9.48 12.86 8.60
N LEU E 109 -8.53 13.62 9.12
CA LEU E 109 -7.88 13.22 10.37
C LEU E 109 -8.84 13.28 11.55
N LEU E 110 -9.74 14.27 11.55
CA LEU E 110 -10.69 14.43 12.66
C LEU E 110 -11.46 13.14 13.00
N CYS E 111 -12.03 12.48 11.98
CA CYS E 111 -12.75 11.23 12.23
C CYS E 111 -11.83 10.00 12.14
N ASP E 112 -10.54 10.23 11.98
CA ASP E 112 -9.60 9.11 11.94
C ASP E 112 -8.35 9.38 12.77
N PRO E 113 -8.53 9.52 14.09
CA PRO E 113 -7.42 9.82 15.00
C PRO E 113 -6.46 8.65 15.20
N ASN E 114 -5.27 8.96 15.68
CA ASN E 114 -4.28 7.94 16.01
C ASN E 114 -3.88 8.01 17.48
N PRO E 115 -4.62 7.28 18.34
CA PRO E 115 -4.41 7.22 19.80
C PRO E 115 -3.08 6.55 20.20
N ASP E 116 -2.47 5.82 19.29
CA ASP E 116 -1.26 5.04 19.59
C ASP E 116 0.01 5.88 19.66
N ASP E 117 0.04 7.00 18.93
CA ASP E 117 1.15 7.94 19.03
C ASP E 117 0.63 9.37 19.24
N PRO E 118 -0.12 9.58 20.33
CA PRO E 118 -0.98 10.78 20.46
C PRO E 118 -0.25 12.09 20.80
N LEU E 119 -0.84 13.20 20.37
CA LEU E 119 -0.34 14.49 20.82
C LEU E 119 -0.85 14.77 22.24
N VAL E 120 -2.11 14.46 22.50
CA VAL E 120 -2.64 14.59 23.86
C VAL E 120 -2.98 13.21 24.44
N PRO E 121 -2.11 12.71 25.33
CA PRO E 121 -2.24 11.35 25.88
C PRO E 121 -3.51 11.18 26.70
N GLU E 122 -3.94 12.20 27.45
CA GLU E 122 -5.18 12.10 28.22
C GLU E 122 -6.38 11.75 27.35
N ILE E 123 -6.52 12.44 26.22
CA ILE E 123 -7.64 12.24 25.31
C ILE E 123 -7.49 10.89 24.63
N ALA E 124 -6.25 10.48 24.44
CA ALA E 124 -5.93 9.19 23.81
C ALA E 124 -6.35 8.01 24.68
N ARG E 125 -6.06 8.09 25.98
CA ARG E 125 -6.51 7.08 26.93
C ARG E 125 -8.02 6.91 26.81
N ILE E 126 -8.73 8.02 26.95
CA ILE E 126 -10.19 8.04 26.82
C ILE E 126 -10.68 7.44 25.51
N TYR E 127 -10.05 7.84 24.41
CA TYR E 127 -10.43 7.32 23.09
C TYR E 127 -10.43 5.80 23.04
N LYS E 128 -9.38 5.21 23.61
CA LYS E 128 -9.22 3.75 23.58
C LYS E 128 -10.10 3.01 24.60
N THR E 129 -10.13 3.50 25.84
CA THR E 129 -10.88 2.84 26.87
C THR E 129 -12.40 3.14 26.78
N ASP E 130 -12.81 4.38 27.03
CA ASP E 130 -14.24 4.72 26.92
C ASP E 130 -14.48 5.56 25.67
N ARG E 131 -15.04 4.95 24.64
CA ARG E 131 -15.20 5.62 23.35
C ARG E 131 -16.43 6.53 23.33
N GLU E 132 -17.48 6.12 24.05
CA GLU E 132 -18.74 6.87 24.07
C GLU E 132 -18.55 8.18 24.82
N LYS E 133 -17.57 8.21 25.72
CA LYS E 133 -17.25 9.41 26.49
C LYS E 133 -16.43 10.36 25.64
N TYR E 134 -15.47 9.81 24.92
CA TYR E 134 -14.74 10.54 23.90
C TYR E 134 -15.72 11.28 22.98
N ASN E 135 -16.55 10.53 22.27
CA ASN E 135 -17.54 11.12 21.37
C ASN E 135 -18.48 12.13 22.00
N ARG E 136 -18.93 11.87 23.23
CA ARG E 136 -19.77 12.84 23.95
C ARG E 136 -19.07 14.19 24.15
N ILE E 137 -17.87 14.13 24.72
CA ILE E 137 -17.10 15.32 24.99
C ILE E 137 -16.78 16.08 23.69
N ALA E 138 -16.40 15.33 22.65
CA ALA E 138 -16.07 15.95 21.37
C ALA E 138 -17.29 16.67 20.83
N ARG E 139 -18.47 16.11 21.05
CA ARG E 139 -19.70 16.74 20.55
C ARG E 139 -20.03 18.00 21.37
N GLU E 140 -19.84 17.92 22.68
CA GLU E 140 -20.03 19.07 23.57
C GLU E 140 -19.08 20.23 23.23
N TRP E 141 -17.81 19.92 23.00
CA TRP E 141 -16.83 20.94 22.62
C TRP E 141 -17.16 21.56 21.27
N THR E 142 -17.66 20.75 20.34
CA THR E 142 -18.16 21.29 19.08
C THR E 142 -19.25 22.34 19.27
N GLN E 143 -20.19 22.08 20.16
CA GLN E 143 -21.22 23.07 20.41
C GLN E 143 -20.66 24.34 21.06
N LYS E 144 -19.78 24.17 22.03
CA LYS E 144 -19.25 25.31 22.78
C LYS E 144 -18.34 26.23 21.96
N TYR E 145 -17.53 25.64 21.10
CA TYR E 145 -16.39 26.28 20.44
C TYR E 145 -16.63 26.52 18.96
N ALA E 146 -16.96 25.45 18.26
CA ALA E 146 -17.19 25.46 16.82
C ALA E 146 -18.62 25.81 16.39
N MET E 147 -19.50 26.11 17.33
CA MET E 147 -20.84 26.57 16.95
C MET E 147 -21.16 27.93 17.55
N MET F 6 -21.64 3.39 -13.96
CA MET F 6 -21.72 4.83 -13.83
C MET F 6 -20.36 5.55 -13.95
N GLN F 7 -20.42 6.88 -14.05
CA GLN F 7 -19.21 7.71 -14.05
C GLN F 7 -19.12 8.52 -12.75
N ILE F 8 -17.93 8.56 -12.16
CA ILE F 8 -17.68 9.43 -11.02
C ILE F 8 -16.47 10.29 -11.36
N PHE F 9 -16.23 11.33 -10.57
CA PHE F 9 -15.08 12.17 -10.82
C PHE F 9 -14.13 12.01 -9.67
N VAL F 10 -12.86 12.25 -9.95
CA VAL F 10 -11.87 12.32 -8.90
C VAL F 10 -11.04 13.57 -9.12
N LYS F 11 -10.84 14.32 -8.04
CA LYS F 11 -9.98 15.49 -8.08
C LYS F 11 -8.61 15.00 -7.66
N THR F 12 -7.66 14.97 -8.58
CA THR F 12 -6.34 14.44 -8.31
C THR F 12 -5.55 15.38 -7.40
N LEU F 13 -4.34 14.94 -7.05
CA LEU F 13 -3.56 15.59 -6.02
C LEU F 13 -3.14 16.99 -6.45
N THR F 14 -2.89 17.18 -7.75
CA THR F 14 -2.58 18.51 -8.28
C THR F 14 -3.82 19.26 -8.74
N GLY F 15 -4.99 18.70 -8.45
CA GLY F 15 -6.22 19.46 -8.63
C GLY F 15 -6.95 19.26 -9.94
N LYS F 16 -6.45 18.39 -10.81
CA LYS F 16 -7.15 18.12 -12.05
C LYS F 16 -8.29 17.10 -11.85
N THR F 17 -9.33 17.23 -12.66
CA THR F 17 -10.48 16.34 -12.60
C THR F 17 -10.44 15.24 -13.64
N ILE F 18 -10.47 14.01 -13.18
CA ILE F 18 -10.52 12.88 -14.09
C ILE F 18 -11.83 12.16 -13.87
N THR F 19 -12.23 11.35 -14.85
CA THR F 19 -13.49 10.63 -14.81
C THR F 19 -13.23 9.12 -14.80
N LEU F 20 -14.02 8.40 -14.02
CA LEU F 20 -13.90 6.94 -13.97
C LEU F 20 -15.22 6.27 -14.27
N GLU F 21 -15.18 5.24 -15.12
CA GLU F 21 -16.34 4.37 -15.30
C GLU F 21 -16.30 3.32 -14.22
N VAL F 22 -17.43 3.12 -13.57
CA VAL F 22 -17.47 2.31 -12.36
C VAL F 22 -18.86 1.68 -12.16
N GLU F 23 -18.94 0.66 -11.30
CA GLU F 23 -20.23 0.13 -10.89
C GLU F 23 -20.38 0.32 -9.39
N PRO F 24 -21.62 0.45 -8.90
CA PRO F 24 -21.86 0.73 -7.46
C PRO F 24 -21.29 -0.38 -6.57
N SER F 25 -21.03 -1.53 -7.16
CA SER F 25 -20.52 -2.70 -6.43
C SER F 25 -19.00 -2.65 -6.20
N ASP F 26 -18.32 -1.75 -6.91
CA ASP F 26 -16.86 -1.66 -6.83
C ASP F 26 -16.35 -1.27 -5.44
N THR F 27 -15.28 -1.91 -5.01
CA THR F 27 -14.66 -1.53 -3.75
C THR F 27 -13.87 -0.25 -3.97
N ILE F 28 -13.58 0.44 -2.88
CA ILE F 28 -12.64 1.55 -2.94
C ILE F 28 -11.31 1.06 -3.50
N GLU F 29 -10.94 -0.19 -3.17
CA GLU F 29 -9.70 -0.78 -3.67
C GLU F 29 -9.65 -0.72 -5.19
N ASN F 30 -10.74 -1.15 -5.81
CA ASN F 30 -10.86 -1.14 -7.26
C ASN F 30 -10.78 0.27 -7.83
N VAL F 31 -11.25 1.24 -7.05
CA VAL F 31 -11.22 2.63 -7.47
C VAL F 31 -9.76 3.10 -7.51
N LYS F 32 -9.01 2.77 -6.47
CA LYS F 32 -7.60 3.12 -6.41
C LYS F 32 -6.78 2.48 -7.54
N ALA F 33 -7.15 1.26 -7.93
CA ALA F 33 -6.44 0.60 -9.02
C ALA F 33 -6.64 1.32 -10.34
N LYS F 34 -7.83 1.87 -10.53
CA LYS F 34 -8.10 2.63 -11.74
C LYS F 34 -7.36 3.97 -11.72
N ILE F 35 -7.26 4.57 -10.53
CA ILE F 35 -6.48 5.79 -10.40
C ILE F 35 -5.00 5.54 -10.65
N GLN F 36 -4.50 4.42 -10.14
CA GLN F 36 -3.13 4.06 -10.41
C GLN F 36 -2.93 3.93 -11.91
N ASP F 37 -3.92 3.41 -12.63
CA ASP F 37 -3.82 3.23 -14.07
C ASP F 37 -3.74 4.57 -14.77
N LYS F 38 -4.62 5.50 -14.41
CA LYS F 38 -4.62 6.84 -15.01
C LYS F 38 -3.47 7.73 -14.55
N GLU F 39 -3.24 7.78 -13.25
CA GLU F 39 -2.30 8.76 -12.70
C GLU F 39 -0.91 8.29 -12.26
N GLY F 40 -0.70 6.99 -12.21
CA GLY F 40 0.60 6.45 -11.81
C GLY F 40 0.94 6.59 -10.34
N ILE F 41 -0.09 6.61 -9.48
CA ILE F 41 0.13 6.64 -8.04
C ILE F 41 -0.19 5.28 -7.40
N PRO F 42 0.75 4.72 -6.63
CA PRO F 42 0.46 3.46 -5.95
C PRO F 42 -0.75 3.64 -5.03
N PRO F 43 -1.62 2.64 -4.96
CA PRO F 43 -2.81 2.71 -4.11
C PRO F 43 -2.47 2.86 -2.64
N ASP F 44 -1.35 2.29 -2.21
CA ASP F 44 -0.93 2.41 -0.82
C ASP F 44 -0.76 3.88 -0.46
N GLN F 45 -0.39 4.69 -1.45
CA GLN F 45 -0.10 6.10 -1.23
C GLN F 45 -1.33 6.94 -1.46
N GLN F 46 -2.40 6.32 -1.95
CA GLN F 46 -3.66 7.04 -2.13
C GLN F 46 -4.56 7.05 -0.90
N ARG F 47 -5.13 8.22 -0.61
CA ARG F 47 -6.13 8.38 0.43
C ARG F 47 -7.29 9.14 -0.18
N LEU F 48 -8.45 8.51 -0.29
CA LEU F 48 -9.58 9.15 -0.93
C LEU F 48 -10.54 9.68 0.11
N ILE F 49 -11.02 10.91 -0.10
CA ILE F 49 -11.93 11.60 0.81
C ILE F 49 -13.29 11.82 0.15
N PHE F 50 -14.36 11.60 0.92
CA PHE F 50 -15.71 11.98 0.51
C PHE F 50 -16.48 12.41 1.76
N ALA F 51 -17.18 13.54 1.66
CA ALA F 51 -17.90 14.08 2.81
C ALA F 51 -16.95 14.29 4.01
N GLY F 52 -15.71 14.65 3.71
CA GLY F 52 -14.75 15.00 4.74
C GLY F 52 -14.13 13.82 5.45
N LYS F 53 -14.47 12.60 5.01
CA LYS F 53 -14.01 11.39 5.70
C LYS F 53 -13.21 10.51 4.74
N GLN F 54 -12.20 9.84 5.27
CA GLN F 54 -11.39 8.90 4.49
C GLN F 54 -12.19 7.67 4.03
N LEU F 55 -11.87 7.11 2.87
CA LEU F 55 -12.60 5.94 2.40
C LEU F 55 -11.82 4.63 2.56
N GLU F 56 -12.45 3.64 3.19
CA GLU F 56 -11.79 2.36 3.48
C GLU F 56 -11.77 1.46 2.25
N ASP F 57 -10.60 0.87 1.97
CA ASP F 57 -10.39 -0.04 0.82
C ASP F 57 -11.42 -1.15 0.70
N GLY F 58 -11.64 -1.85 1.81
CA GLY F 58 -12.48 -3.03 1.82
C GLY F 58 -13.96 -2.77 1.53
N ARG F 59 -14.41 -1.56 1.81
CA ARG F 59 -15.81 -1.16 1.56
C ARG F 59 -16.11 -0.87 0.09
N THR F 60 -17.38 -0.91 -0.26
CA THR F 60 -17.80 -0.63 -1.62
C THR F 60 -18.34 0.78 -1.73
N LEU F 61 -18.68 1.19 -2.95
CA LEU F 61 -19.16 2.54 -3.20
C LEU F 61 -20.55 2.70 -2.61
N SER F 62 -21.37 1.68 -2.78
CA SER F 62 -22.71 1.62 -2.19
C SER F 62 -22.71 1.92 -0.70
N ASP F 63 -21.85 1.20 0.05
CA ASP F 63 -21.73 1.36 1.50
C ASP F 63 -21.56 2.84 1.85
N TYR F 64 -20.92 3.58 0.95
CA TYR F 64 -20.67 5.00 1.17
C TYR F 64 -21.73 5.89 0.53
N ASN F 65 -22.67 5.28 -0.17
CA ASN F 65 -23.78 6.01 -0.76
C ASN F 65 -23.27 6.95 -1.84
N ILE F 66 -22.26 6.50 -2.58
CA ILE F 66 -21.68 7.33 -3.61
C ILE F 66 -22.43 7.11 -4.93
N GLN F 67 -23.13 8.17 -5.37
CA GLN F 67 -24.04 8.08 -6.51
C GLN F 67 -23.37 8.50 -7.80
N LYS F 68 -24.14 8.61 -8.87
CA LYS F 68 -23.62 9.03 -10.17
C LYS F 68 -23.18 10.49 -10.16
N GLU F 69 -22.11 10.78 -10.90
CA GLU F 69 -21.53 12.11 -11.01
C GLU F 69 -21.07 12.71 -9.66
N SER F 70 -20.79 11.86 -8.67
CA SER F 70 -20.18 12.29 -7.42
C SER F 70 -18.71 12.65 -7.61
N THR F 71 -18.15 13.40 -6.66
CA THR F 71 -16.77 13.79 -6.76
C THR F 71 -15.98 13.36 -5.53
N LEU F 72 -15.01 12.48 -5.76
CA LEU F 72 -14.13 11.96 -4.72
C LEU F 72 -12.87 12.80 -4.72
N HIS F 73 -12.29 13.01 -3.54
CA HIS F 73 -11.11 13.85 -3.48
C HIS F 73 -9.89 13.06 -3.07
N LEU F 74 -8.80 13.25 -3.79
CA LEU F 74 -7.60 12.44 -3.59
C LEU F 74 -6.53 13.25 -2.89
N VAL F 75 -6.01 12.70 -1.79
CA VAL F 75 -4.85 13.25 -1.13
C VAL F 75 -3.84 12.15 -0.90
N LEU F 76 -2.69 12.52 -0.34
CA LEU F 76 -1.63 11.56 -0.05
C LEU F 76 -1.88 10.81 1.25
N ARG F 77 -1.38 9.58 1.34
CA ARG F 77 -1.46 8.85 2.59
C ARG F 77 -0.84 9.69 3.72
N LEU F 78 -1.49 9.66 4.87
CA LEU F 78 -1.04 10.44 6.01
C LEU F 78 -1.29 9.67 7.30
N ARG F 79 -0.58 10.05 8.35
CA ARG F 79 -0.75 9.43 9.65
C ARG F 79 -0.72 10.51 10.71
N GLY F 80 -1.75 10.56 11.54
CA GLY F 80 -1.74 11.42 12.70
C GLY F 80 -0.65 10.94 13.63
N GLY F 81 -0.21 11.78 14.56
CA GLY F 81 0.84 11.39 15.47
C GLY F 81 0.98 12.37 16.60
N SER G 22 -12.02 16.58 -19.45
CA SER G 22 -11.98 16.77 -20.90
C SER G 22 -10.96 17.83 -21.29
N SER G 23 -10.99 18.95 -20.57
CA SER G 23 -10.06 20.05 -20.84
C SER G 23 -8.79 19.92 -19.99
N SER G 24 -8.67 18.81 -19.26
CA SER G 24 -7.54 18.63 -18.33
C SER G 24 -6.18 18.59 -19.01
N LEU G 25 -6.03 17.74 -20.04
CA LEU G 25 -4.75 17.64 -20.74
C LEU G 25 -4.32 19.04 -21.22
N PRO G 26 -5.19 19.73 -21.97
CA PRO G 26 -4.92 21.11 -22.40
C PRO G 26 -4.45 22.01 -21.26
N LEU G 27 -5.11 21.89 -20.11
CA LEU G 27 -4.75 22.72 -18.96
C LEU G 27 -3.44 22.27 -18.32
N ASN G 28 -3.30 20.97 -18.08
CA ASN G 28 -2.20 20.46 -17.27
C ASN G 28 -0.82 20.50 -17.92
N ALA G 29 -0.76 20.16 -19.21
CA ALA G 29 0.51 20.14 -19.93
C ALA G 29 0.98 21.56 -20.17
N ILE G 30 0.02 22.47 -20.37
CA ILE G 30 0.34 23.86 -20.66
C ILE G 30 0.67 24.65 -19.39
N GLU G 31 0.17 24.22 -18.24
CA GLU G 31 0.48 24.90 -16.98
C GLU G 31 1.96 24.82 -16.63
N PRO G 32 2.50 25.90 -16.05
CA PRO G 32 3.91 25.90 -15.66
C PRO G 32 4.22 24.98 -14.46
N CYS G 33 5.48 24.94 -14.07
CA CYS G 33 5.94 24.12 -12.98
C CYS G 33 5.01 24.34 -11.79
N VAL G 34 4.52 23.28 -11.17
CA VAL G 34 3.62 23.45 -10.03
C VAL G 34 4.35 24.00 -8.79
N ILE G 35 5.67 23.87 -8.77
CA ILE G 35 6.44 24.34 -7.63
C ILE G 35 6.76 25.84 -7.73
N CYS G 36 7.55 26.22 -8.74
CA CYS G 36 7.86 27.66 -8.94
C CYS G 36 6.81 28.44 -9.75
N GLN G 37 6.08 27.75 -10.62
CA GLN G 37 5.07 28.38 -11.47
C GLN G 37 5.67 29.40 -12.45
N GLY G 38 6.97 29.31 -12.68
CA GLY G 38 7.67 30.19 -13.61
C GLY G 38 8.26 29.59 -14.88
N ARG G 39 8.16 28.27 -15.03
CA ARG G 39 8.79 27.57 -16.14
C ARG G 39 7.93 26.39 -16.55
N PRO G 40 8.08 25.90 -17.80
CA PRO G 40 7.28 24.75 -18.22
C PRO G 40 7.64 23.50 -17.43
N LYS G 41 6.81 22.47 -17.49
CA LYS G 41 7.20 21.25 -16.80
C LYS G 41 8.03 20.48 -17.81
N ASN G 42 9.34 20.67 -17.73
CA ASN G 42 10.32 19.89 -18.45
C ASN G 42 11.21 19.00 -17.60
N GLY G 43 11.04 19.04 -16.28
CA GLY G 43 11.73 18.08 -15.43
C GLY G 43 10.93 16.81 -15.29
N CYS G 44 11.45 15.68 -15.74
CA CYS G 44 10.71 14.45 -15.59
C CYS G 44 11.36 13.72 -14.46
N ILE G 45 10.57 13.30 -13.48
CA ILE G 45 11.11 12.63 -12.31
C ILE G 45 10.97 11.13 -12.55
N VAL G 46 12.09 10.42 -12.63
CA VAL G 46 12.06 9.04 -13.10
C VAL G 46 12.15 8.05 -11.96
N HIS G 47 11.24 7.09 -11.94
CA HIS G 47 11.33 5.97 -11.01
C HIS G 47 10.86 4.70 -11.69
N GLY G 48 11.76 3.70 -11.77
CA GLY G 48 11.44 2.46 -12.45
C GLY G 48 11.06 2.70 -13.90
N LYS G 49 9.91 2.16 -14.30
CA LYS G 49 9.39 2.28 -15.66
C LYS G 49 8.42 3.46 -15.87
N THR G 50 8.27 4.33 -14.88
CA THR G 50 7.38 5.47 -15.02
C THR G 50 8.03 6.76 -14.56
N GLY G 51 7.40 7.88 -14.91
CA GLY G 51 7.91 9.16 -14.45
C GLY G 51 6.75 10.12 -14.23
N HIS G 52 6.96 11.12 -13.38
CA HIS G 52 5.94 12.11 -13.16
C HIS G 52 6.47 13.44 -13.67
N LEU G 53 5.78 14.03 -14.64
CA LEU G 53 6.24 15.31 -15.14
C LEU G 53 5.35 16.38 -14.53
N MET G 54 5.81 16.95 -13.41
CA MET G 54 5.10 18.04 -12.76
C MET G 54 5.85 19.36 -12.57
N ALA G 55 7.17 19.34 -12.79
CA ALA G 55 8.02 20.43 -12.36
C ALA G 55 8.96 20.81 -13.48
N CYS G 56 9.52 22.00 -13.41
CA CYS G 56 10.54 22.37 -14.37
C CYS G 56 11.78 21.58 -13.99
N PHE G 57 12.82 21.63 -14.81
CA PHE G 57 14.02 20.86 -14.55
C PHE G 57 14.74 21.36 -13.28
N THR G 58 14.79 22.68 -13.13
CA THR G 58 15.47 23.28 -11.98
C THR G 58 14.89 22.80 -10.65
N CYS G 59 13.59 22.98 -10.50
CA CYS G 59 12.90 22.53 -9.31
C CYS G 59 13.06 21.04 -9.05
N ALA G 60 13.08 20.24 -10.12
CA ALA G 60 13.17 18.80 -9.93
C ALA G 60 14.55 18.38 -9.46
N LYS G 61 15.60 19.00 -10.02
CA LYS G 61 16.95 18.71 -9.58
C LYS G 61 17.10 19.06 -8.09
N LYS G 62 16.48 20.15 -7.68
CA LYS G 62 16.51 20.52 -6.26
C LYS G 62 16.01 19.37 -5.42
N LEU G 63 14.86 18.80 -5.78
CA LEU G 63 14.30 17.65 -5.06
C LEU G 63 15.27 16.48 -4.95
N LYS G 64 15.90 16.15 -6.08
CA LYS G 64 16.87 15.08 -6.14
C LYS G 64 18.04 15.43 -5.22
N LYS G 65 18.57 16.64 -5.41
CA LYS G 65 19.74 17.09 -4.66
C LYS G 65 19.55 16.93 -3.16
N ARG G 66 18.33 17.19 -2.70
CA ARG G 66 18.03 17.22 -1.26
C ARG G 66 17.51 15.86 -0.83
N ASN G 67 17.54 14.90 -1.74
CA ASN G 67 17.12 13.52 -1.48
C ASN G 67 15.63 13.35 -1.16
N LYS G 68 14.79 14.14 -1.79
CA LYS G 68 13.35 14.05 -1.58
C LYS G 68 12.69 13.01 -2.52
N PRO G 69 11.61 12.36 -2.07
CA PRO G 69 10.95 11.43 -3.00
C PRO G 69 10.11 12.17 -4.06
N CYS G 70 9.51 11.45 -5.00
CA CYS G 70 8.59 12.08 -5.93
C CYS G 70 7.44 12.77 -5.18
N PRO G 71 7.17 14.05 -5.50
CA PRO G 71 6.09 14.79 -4.83
C PRO G 71 4.70 14.16 -4.99
N VAL G 72 4.47 13.55 -6.14
CA VAL G 72 3.17 12.97 -6.48
C VAL G 72 2.93 11.54 -5.98
N CYS G 73 3.93 10.69 -6.12
CA CYS G 73 3.79 9.31 -5.64
C CYS G 73 4.67 8.84 -4.49
N ARG G 74 5.61 9.68 -4.05
CA ARG G 74 6.55 9.34 -2.99
C ARG G 74 7.60 8.24 -3.27
N GLN G 75 7.59 7.63 -4.45
CA GLN G 75 8.71 6.76 -4.83
C GLN G 75 10.05 7.52 -4.84
N PRO G 76 11.13 6.83 -4.47
CA PRO G 76 12.45 7.43 -4.59
C PRO G 76 12.66 7.90 -6.02
N ILE G 77 13.40 9.00 -6.18
CA ILE G 77 13.73 9.54 -7.50
C ILE G 77 15.03 8.93 -7.99
N GLN G 78 14.98 8.15 -9.07
CA GLN G 78 16.22 7.60 -9.62
C GLN G 78 17.02 8.65 -10.38
N MET G 79 16.34 9.44 -11.20
CA MET G 79 17.01 10.52 -11.91
C MET G 79 15.99 11.57 -12.34
N ILE G 80 16.50 12.74 -12.70
CA ILE G 80 15.69 13.77 -13.32
C ILE G 80 16.12 13.84 -14.79
N VAL G 81 15.17 13.78 -15.71
CA VAL G 81 15.48 13.87 -17.13
C VAL G 81 14.90 15.16 -17.66
N LEU G 82 15.74 15.97 -18.32
CA LEU G 82 15.26 17.18 -18.97
C LEU G 82 14.54 16.80 -20.26
N THR G 83 13.28 17.20 -20.39
CA THR G 83 12.43 16.63 -21.41
C THR G 83 11.96 17.65 -22.45
N TYR G 84 12.08 17.26 -23.72
CA TYR G 84 11.68 18.09 -24.85
C TYR G 84 10.45 17.53 -25.55
N PHE G 85 9.56 18.40 -26.00
CA PHE G 85 8.34 17.97 -26.69
C PHE G 85 8.23 18.60 -28.07
N PRO G 86 9.11 18.20 -29.00
CA PRO G 86 9.16 18.90 -30.28
C PRO G 86 7.84 18.80 -31.02
N MET H 1 8.27 27.08 -24.12
CA MET H 1 6.97 27.62 -23.72
C MET H 1 5.88 27.19 -24.70
N GLU H 2 6.15 27.38 -26.00
CA GLU H 2 5.21 26.99 -27.04
C GLU H 2 5.17 25.48 -27.32
N ASP H 3 6.15 24.75 -26.77
CA ASP H 3 6.29 23.33 -27.12
C ASP H 3 5.34 22.47 -26.33
N CYS H 4 4.85 23.02 -25.23
CA CYS H 4 3.91 22.30 -24.37
C CYS H 4 2.66 21.92 -25.11
N GLN H 5 2.26 22.75 -26.06
CA GLN H 5 1.03 22.46 -26.80
C GLN H 5 1.12 21.22 -27.70
N ASN H 6 2.33 20.77 -28.02
CA ASN H 6 2.51 19.52 -28.76
C ASN H 6 2.09 18.28 -27.97
N LEU H 7 2.10 18.40 -26.64
CA LEU H 7 1.67 17.31 -25.77
C LEU H 7 0.17 17.06 -25.80
N LEU H 8 -0.57 17.98 -26.42
CA LEU H 8 -2.01 17.79 -26.60
C LEU H 8 -2.26 16.99 -27.87
N LYS H 9 -1.23 16.83 -28.68
CA LYS H 9 -1.30 16.04 -29.90
C LYS H 9 -1.15 14.54 -29.60
N PRO H 10 -1.88 13.69 -30.33
CA PRO H 10 -1.71 12.25 -30.18
C PRO H 10 -0.33 11.81 -30.69
N CYS H 11 0.04 10.58 -30.37
CA CYS H 11 1.32 10.01 -30.75
C CYS H 11 1.57 10.27 -32.23
N SER H 12 2.79 10.65 -32.56
CA SER H 12 3.08 11.05 -33.93
C SER H 12 3.07 9.86 -34.87
N LEU H 13 3.17 8.65 -34.31
CA LEU H 13 3.22 7.43 -35.11
C LEU H 13 1.87 6.71 -35.24
N CYS H 14 1.36 6.15 -34.15
CA CYS H 14 0.10 5.40 -34.23
C CYS H 14 -1.06 6.39 -34.26
N GLU H 15 -0.83 7.54 -33.65
CA GLU H 15 -1.83 8.61 -33.59
C GLU H 15 -3.14 8.16 -32.95
N LYS H 16 -3.11 7.04 -32.25
CA LYS H 16 -4.25 6.59 -31.44
C LYS H 16 -4.10 6.75 -29.92
N ARG H 17 -2.99 7.34 -29.48
CA ARG H 17 -2.66 7.37 -28.06
C ARG H 17 -1.93 8.66 -27.77
N PRO H 18 -1.96 9.11 -26.50
CA PRO H 18 -1.36 10.39 -26.11
C PRO H 18 0.16 10.26 -26.08
N ARG H 19 0.93 11.35 -26.10
CA ARG H 19 2.37 11.15 -26.06
C ARG H 19 2.75 11.07 -24.58
N ASP H 20 2.76 9.83 -24.08
CA ASP H 20 3.23 9.45 -22.76
C ASP H 20 4.49 8.60 -22.72
N GLY H 21 5.08 8.29 -23.88
CA GLY H 21 6.39 7.64 -23.92
C GLY H 21 7.56 8.59 -23.85
N ASN H 22 8.42 8.52 -22.84
CA ASN H 22 9.58 9.39 -22.83
C ASN H 22 10.76 8.55 -23.28
N ILE H 23 11.39 8.99 -24.38
CA ILE H 23 12.54 8.30 -24.93
C ILE H 23 13.73 8.93 -24.27
N ILE H 24 14.45 8.15 -23.50
CA ILE H 24 15.48 8.72 -22.66
C ILE H 24 16.85 8.30 -23.12
N HIS H 25 17.72 9.30 -23.26
CA HIS H 25 19.11 9.09 -23.60
C HIS H 25 20.01 10.01 -22.77
N GLY H 26 20.82 9.43 -21.90
CA GLY H 26 21.67 10.23 -21.04
C GLY H 26 20.81 10.91 -20.01
N ARG H 27 20.78 12.24 -20.04
CA ARG H 27 19.95 12.97 -19.10
C ARG H 27 18.93 13.85 -19.80
N THR H 28 18.68 13.54 -21.06
CA THR H 28 17.70 14.27 -21.86
C THR H 28 16.70 13.25 -22.37
N GLY H 29 15.55 13.72 -22.82
CA GLY H 29 14.53 12.80 -23.29
C GLY H 29 13.62 13.52 -24.25
N HIS H 30 12.99 12.76 -25.12
CA HIS H 30 12.11 13.32 -26.13
C HIS H 30 10.77 12.66 -26.01
N LEU H 31 9.71 13.45 -25.86
CA LEU H 31 8.40 12.88 -25.67
C LEU H 31 7.60 13.30 -26.90
N VAL H 32 7.67 12.46 -27.93
CA VAL H 32 6.95 12.63 -29.18
C VAL H 32 5.97 11.49 -29.53
N THR H 33 6.00 10.43 -28.73
CA THR H 33 5.25 9.20 -29.04
C THR H 33 4.60 8.65 -27.78
N CYS H 34 3.67 7.72 -27.96
CA CYS H 34 3.05 7.02 -26.84
C CYS H 34 4.06 6.04 -26.27
N PHE H 35 3.80 5.56 -25.07
CA PHE H 35 4.69 4.61 -24.41
C PHE H 35 4.93 3.37 -25.27
N HIS H 36 3.88 2.84 -25.88
CA HIS H 36 4.00 1.61 -26.65
C HIS H 36 4.84 1.75 -27.93
N CYS H 37 4.67 2.84 -28.66
CA CYS H 37 5.51 3.04 -29.85
C CYS H 37 6.95 3.28 -29.47
N ALA H 38 7.17 3.95 -28.35
CA ALA H 38 8.54 4.18 -27.92
C ALA H 38 9.20 2.87 -27.52
N ARG H 39 8.46 2.01 -26.81
CA ARG H 39 9.02 0.69 -26.45
C ARG H 39 9.40 -0.08 -27.72
N ARG H 40 8.55 0.06 -28.74
CA ARG H 40 8.72 -0.69 -29.98
C ARG H 40 9.90 -0.18 -30.79
N LEU H 41 10.08 1.14 -30.84
CA LEU H 41 11.27 1.71 -31.44
C LEU H 41 12.51 1.16 -30.75
N LYS H 42 12.51 1.15 -29.42
CA LYS H 42 13.67 0.62 -28.70
C LYS H 42 13.92 -0.85 -29.05
N LYS H 43 12.84 -1.62 -29.13
CA LYS H 43 12.96 -3.03 -29.46
C LYS H 43 13.49 -3.19 -30.88
N ALA H 44 13.07 -2.33 -31.79
CA ALA H 44 13.52 -2.42 -33.19
C ALA H 44 14.99 -2.08 -33.36
N GLY H 45 15.61 -1.56 -32.31
CA GLY H 45 16.98 -1.08 -32.38
C GLY H 45 17.08 0.28 -33.08
N ALA H 46 15.94 0.96 -33.18
CA ALA H 46 15.91 2.28 -33.78
C ALA H 46 16.44 3.33 -32.77
N SER H 47 17.15 4.34 -33.26
CA SER H 47 17.57 5.40 -32.35
C SER H 47 16.46 6.44 -32.17
N CYS H 48 16.63 7.41 -31.27
CA CYS H 48 15.58 8.40 -31.05
C CYS H 48 15.28 9.10 -32.36
N PRO H 49 14.00 9.26 -32.70
CA PRO H 49 13.59 9.89 -33.96
C PRO H 49 14.03 11.36 -34.09
N ILE H 50 14.12 12.09 -32.99
CA ILE H 50 14.55 13.49 -33.07
C ILE H 50 16.06 13.58 -33.20
N CYS H 51 16.78 13.13 -32.18
CA CYS H 51 18.22 13.34 -32.10
C CYS H 51 19.15 12.17 -32.49
N LYS H 52 18.60 11.04 -32.91
CA LYS H 52 19.44 9.93 -33.35
C LYS H 52 20.25 9.24 -32.25
N LYS H 53 20.11 9.68 -31.00
CA LYS H 53 20.80 8.99 -29.92
C LYS H 53 20.27 7.58 -29.68
N GLU H 54 21.07 6.72 -29.06
CA GLU H 54 20.58 5.41 -28.71
C GLU H 54 19.46 5.58 -27.71
N ILE H 55 18.43 4.76 -27.82
CA ILE H 55 17.33 4.86 -26.89
C ILE H 55 17.75 3.95 -25.75
N GLN H 56 18.09 4.57 -24.64
CA GLN H 56 18.55 3.83 -23.47
C GLN H 56 17.43 3.33 -22.59
N LEU H 57 16.37 4.13 -22.49
CA LEU H 57 15.27 3.80 -21.63
C LEU H 57 14.01 4.43 -22.16
N VAL H 58 12.92 3.70 -22.05
CA VAL H 58 11.63 4.26 -22.37
C VAL H 58 10.83 4.19 -21.09
N ILE H 59 10.23 5.32 -20.69
CA ILE H 59 9.33 5.29 -19.57
C ILE H 59 7.95 5.83 -19.92
N LYS H 60 6.97 5.45 -19.12
CA LYS H 60 5.61 5.95 -19.31
C LYS H 60 5.42 7.15 -18.42
N VAL H 61 5.14 8.28 -19.05
CA VAL H 61 5.03 9.57 -18.38
C VAL H 61 3.60 9.92 -17.95
N PHE H 62 3.42 10.19 -16.66
CA PHE H 62 2.16 10.73 -16.14
C PHE H 62 2.31 12.21 -15.84
N ILE H 63 1.49 13.03 -16.48
CA ILE H 63 1.52 14.47 -16.30
C ILE H 63 0.70 14.83 -15.05
N ALA H 64 1.30 15.65 -14.18
CA ALA H 64 0.64 16.06 -12.94
C ALA H 64 0.80 17.57 -12.74
#